data_8GKM
#
_entry.id   8GKM
#
_cell.length_a   41.805
_cell.length_b   123.415
_cell.length_c   175.171
_cell.angle_alpha   90.000
_cell.angle_beta   90.000
_cell.angle_gamma   90.000
#
_symmetry.space_group_name_H-M   'P 2 21 21'
#
loop_
_entity.id
_entity.type
_entity.pdbx_description
1 polymer 'Non-ribosomal peptide synthetase'
2 polymer 'MbtH-like short polypeptide'
3 non-polymer LEUCINE
4 non-polymer DI(HYDROXYETHYL)ETHER
5 non-polymer 'ACETIC ACID'
6 non-polymer 'SODIUM ION'
7 water water
#
loop_
_entity_poly.entity_id
_entity_poly.type
_entity_poly.pdbx_seq_one_letter_code
_entity_poly.pdbx_strand_id
1 'polypeptide(L)'
;MSTVPELLARQVTRAPDAVAVVDRDRVLTYRELDELAGRLSGRLIGRGVRRGDRVAVLLDRSADLVVTLLAIWKAGAAYV
PVDAGYPAPRVAFMVADSGASRMVCSAATRDGVPEGIEAIVVTDEEAFEASAAGARPGDLAYVMYTSGSTGIPKGVAVPH
RSVAELAGNPGWAVEPGDAVLMHAPYAFDASLFEIWVPLVSGGRVVIAEPGPVDARRLREAISSGVTRAYLTAGSFRAVA
EESPESFAGLREVLTGGDVVPAHAVARVRSACPRVRIRHMYGPTETTMCATWHLLEPGDEIGPVLPIGRPLPGRRAQVLD
ASLRAVAPGVIGDLYLSGAGLADGYLRRAGLTAERFVADPSAPGARMYRTGDLAQWTADGALLFAGRADDQGSHHHHHH
;
A,B
2 'polypeptide(L)' MTNPFDNEDGSFLVLVNGEGQHSLWPAFAEVPDGWTGVHGPASRQDCLGYVEQNWTDLRPKSLISQISD C,D
#
# COMPACT_ATOMS: atom_id res chain seq x y z
N SER A 2 -18.52 11.42 -13.19
CA SER A 2 -17.52 11.49 -14.25
C SER A 2 -17.72 10.34 -15.25
N THR A 3 -16.87 10.30 -16.28
CA THR A 3 -16.85 9.21 -17.23
C THR A 3 -15.39 8.88 -17.53
N VAL A 4 -15.15 7.64 -17.96
CA VAL A 4 -13.79 7.26 -18.36
C VAL A 4 -13.31 8.11 -19.52
N PRO A 5 -14.11 8.41 -20.55
CA PRO A 5 -13.62 9.33 -21.60
C PRO A 5 -13.18 10.68 -21.05
N GLU A 6 -13.85 11.21 -20.02
CA GLU A 6 -13.41 12.47 -19.44
C GLU A 6 -12.07 12.30 -18.74
N LEU A 7 -11.92 11.24 -17.96
CA LEU A 7 -10.66 10.99 -17.27
C LEU A 7 -9.53 10.77 -18.26
N LEU A 8 -9.80 9.99 -19.32
CA LEU A 8 -8.79 9.77 -20.34
C LEU A 8 -8.43 11.06 -21.06
N ALA A 9 -9.42 11.91 -21.33
CA ALA A 9 -9.12 13.16 -22.02
C ALA A 9 -8.16 14.01 -21.20
N ARG A 10 -8.26 13.94 -19.87
CA ARG A 10 -7.30 14.65 -19.03
C ARG A 10 -5.88 14.16 -19.29
N GLN A 11 -5.70 12.85 -19.48
CA GLN A 11 -4.37 12.31 -19.73
C GLN A 11 -3.88 12.66 -21.13
N VAL A 12 -4.78 12.67 -22.11
CA VAL A 12 -4.41 13.08 -23.47
C VAL A 12 -3.93 14.52 -23.46
N THR A 13 -4.60 15.38 -22.69
CA THR A 13 -4.17 16.77 -22.60
C THR A 13 -2.82 16.90 -21.91
N ARG A 14 -2.61 16.12 -20.84
CA ARG A 14 -1.42 16.30 -20.02
C ARG A 14 -0.18 15.72 -20.70
N ALA A 15 -0.32 14.59 -21.40
CA ALA A 15 0.82 13.89 -21.97
C ALA A 15 0.40 13.19 -23.26
N PRO A 16 0.17 13.94 -24.32
CA PRO A 16 -0.34 13.32 -25.56
C PRO A 16 0.62 12.30 -26.17
N ASP A 17 1.92 12.44 -25.93
CA ASP A 17 2.91 11.59 -26.57
C ASP A 17 3.38 10.45 -25.68
N ALA A 18 2.79 10.29 -24.50
CA ALA A 18 3.09 9.13 -23.69
C ALA A 18 2.48 7.89 -24.35
N VAL A 19 3.08 6.73 -24.08
CA VAL A 19 2.57 5.49 -24.63
C VAL A 19 1.30 5.10 -23.88
N ALA A 20 0.25 4.77 -24.64
CA ALA A 20 -1.01 4.33 -24.08
C ALA A 20 -1.21 2.83 -24.24
N VAL A 21 -0.95 2.30 -25.43
CA VAL A 21 -1.19 0.89 -25.72
C VAL A 21 0.02 0.32 -26.43
N VAL A 22 0.43 -0.87 -25.99
CA VAL A 22 1.52 -1.61 -26.63
C VAL A 22 0.93 -2.95 -27.04
N ASP A 23 0.89 -3.20 -28.35
CA ASP A 23 0.38 -4.43 -28.93
C ASP A 23 1.44 -4.95 -29.89
N ARG A 24 2.23 -5.92 -29.43
CA ARG A 24 3.30 -6.54 -30.22
C ARG A 24 4.18 -5.42 -30.76
N ASP A 25 4.42 -5.35 -32.08
CA ASP A 25 5.22 -4.27 -32.64
C ASP A 25 4.53 -2.93 -32.51
N ARG A 26 3.20 -2.92 -32.55
CA ARG A 26 2.44 -1.68 -32.63
C ARG A 26 2.39 -0.96 -31.30
N VAL A 27 2.59 0.36 -31.34
CA VAL A 27 2.56 1.20 -30.16
C VAL A 27 1.66 2.40 -30.45
N LEU A 28 0.72 2.67 -29.56
CA LEU A 28 -0.15 3.84 -29.70
C LEU A 28 0.10 4.81 -28.55
N THR A 29 0.33 6.07 -28.88
CA THR A 29 0.37 7.10 -27.85
C THR A 29 -1.06 7.46 -27.46
N TYR A 30 -1.19 8.26 -26.39
CA TYR A 30 -2.50 8.75 -25.98
C TYR A 30 -3.15 9.55 -27.10
N ARG A 31 -2.41 10.43 -27.74
CA ARG A 31 -2.98 11.20 -28.84
C ARG A 31 -3.41 10.27 -29.98
N GLU A 32 -2.57 9.28 -30.31
CA GLU A 32 -2.93 8.36 -31.39
C GLU A 32 -4.16 7.55 -31.04
N LEU A 33 -4.26 7.06 -29.81
CA LEU A 33 -5.46 6.33 -29.40
C LEU A 33 -6.69 7.21 -29.51
N ASP A 34 -6.60 8.45 -29.05
CA ASP A 34 -7.74 9.35 -29.12
C ASP A 34 -8.13 9.66 -30.56
N GLU A 35 -7.15 9.87 -31.43
CA GLU A 35 -7.45 10.20 -32.82
C GLU A 35 -8.08 9.02 -33.55
N LEU A 36 -7.54 7.82 -33.34
CA LEU A 36 -8.10 6.64 -33.98
C LEU A 36 -9.53 6.39 -33.50
N ALA A 37 -9.76 6.50 -32.19
CA ALA A 37 -11.10 6.31 -31.66
C ALA A 37 -12.08 7.34 -32.18
N GLY A 38 -11.61 8.58 -32.39
CA GLY A 38 -12.48 9.59 -32.98
C GLY A 38 -12.90 9.27 -34.39
N ARG A 39 -12.03 8.62 -35.15
CA ARG A 39 -12.36 8.27 -36.53
C ARG A 39 -13.40 7.15 -36.55
N LEU A 40 -13.20 6.11 -35.75
CA LEU A 40 -14.19 5.04 -35.68
C LEU A 40 -15.49 5.55 -35.09
N SER A 41 -15.42 6.47 -34.12
CA SER A 41 -16.63 7.10 -33.60
C SER A 41 -17.37 7.83 -34.73
N GLY A 42 -16.64 8.52 -35.60
CA GLY A 42 -17.27 9.19 -36.73
C GLY A 42 -17.97 8.24 -37.68
N ARG A 43 -17.40 7.05 -37.87
CA ARG A 43 -18.07 6.05 -38.69
C ARG A 43 -19.38 5.60 -38.05
N LEU A 44 -19.38 5.42 -36.73
CA LEU A 44 -20.60 4.99 -36.05
C LEU A 44 -21.67 6.07 -36.11
N ILE A 45 -21.31 7.32 -35.79
CA ILE A 45 -22.25 8.42 -35.90
C ILE A 45 -22.75 8.54 -37.34
N GLY A 46 -21.84 8.35 -38.31
CA GLY A 46 -22.23 8.44 -39.70
C GLY A 46 -23.32 7.47 -40.10
N ARG A 47 -23.35 6.29 -39.48
CA ARG A 47 -24.39 5.31 -39.76
C ARG A 47 -25.70 5.59 -39.04
N GLY A 48 -25.75 6.59 -38.16
CA GLY A 48 -26.95 6.90 -37.43
C GLY A 48 -26.97 6.42 -36.00
N VAL A 49 -25.84 5.90 -35.49
CA VAL A 49 -25.81 5.45 -34.10
C VAL A 49 -26.11 6.64 -33.21
N ARG A 50 -27.01 6.43 -32.25
CA ARG A 50 -27.47 7.48 -31.37
C ARG A 50 -27.20 7.12 -29.92
N ARG A 51 -27.28 8.13 -29.06
CA ARG A 51 -26.99 7.95 -27.66
C ARG A 51 -27.87 6.87 -27.06
N GLY A 52 -27.25 5.96 -26.31
CA GLY A 52 -27.95 4.85 -25.71
C GLY A 52 -27.99 3.60 -26.55
N ASP A 53 -27.63 3.69 -27.83
CA ASP A 53 -27.54 2.51 -28.67
C ASP A 53 -26.49 1.56 -28.08
N ARG A 54 -26.65 0.28 -28.36
CA ARG A 54 -25.69 -0.74 -27.96
C ARG A 54 -24.96 -1.27 -29.19
N VAL A 55 -23.64 -1.29 -29.12
CA VAL A 55 -22.79 -1.82 -30.18
C VAL A 55 -22.06 -3.03 -29.61
N ALA A 56 -22.29 -4.19 -30.19
CA ALA A 56 -21.54 -5.38 -29.81
C ALA A 56 -20.12 -5.32 -30.37
N VAL A 57 -19.22 -6.03 -29.71
CA VAL A 57 -17.82 -6.05 -30.11
C VAL A 57 -17.33 -7.50 -30.09
N LEU A 58 -16.75 -7.94 -31.20
CA LEU A 58 -16.26 -9.30 -31.38
C LEU A 58 -14.85 -9.18 -31.95
N LEU A 59 -13.86 -9.07 -31.08
CA LEU A 59 -12.49 -8.84 -31.50
C LEU A 59 -11.53 -9.64 -30.63
N ASP A 60 -10.39 -10.03 -31.21
CA ASP A 60 -9.29 -10.51 -30.40
C ASP A 60 -8.64 -9.33 -29.69
N ARG A 61 -8.02 -9.59 -28.54
CA ARG A 61 -7.40 -8.50 -27.81
C ARG A 61 -6.25 -7.92 -28.66
N SER A 62 -6.17 -6.60 -28.67
CA SER A 62 -5.36 -5.85 -29.63
C SER A 62 -5.54 -4.37 -29.32
N ALA A 63 -4.67 -3.56 -29.93
CA ALA A 63 -4.87 -2.13 -29.88
C ALA A 63 -6.20 -1.74 -30.52
N ASP A 64 -6.60 -2.44 -31.58
CA ASP A 64 -7.89 -2.14 -32.22
C ASP A 64 -9.05 -2.36 -31.26
N LEU A 65 -8.93 -3.34 -30.36
CA LEU A 65 -9.97 -3.54 -29.36
C LEU A 65 -10.12 -2.31 -28.48
N VAL A 66 -9.01 -1.78 -27.98
CA VAL A 66 -9.07 -0.60 -27.12
C VAL A 66 -9.65 0.59 -27.87
N VAL A 67 -9.19 0.79 -29.11
CA VAL A 67 -9.73 1.86 -29.95
C VAL A 67 -11.24 1.69 -30.11
N THR A 68 -11.69 0.45 -30.33
CA THR A 68 -13.12 0.23 -30.59
C THR A 68 -13.96 0.58 -29.37
N LEU A 69 -13.55 0.15 -28.18
CA LEU A 69 -14.34 0.42 -26.98
C LEU A 69 -14.47 1.92 -26.74
N LEU A 70 -13.36 2.65 -26.85
CA LEU A 70 -13.40 4.09 -26.67
C LEU A 70 -14.23 4.77 -27.76
N ALA A 71 -14.14 4.26 -28.99
CA ALA A 71 -14.89 4.85 -30.09
C ALA A 71 -16.40 4.72 -29.87
N ILE A 72 -16.85 3.56 -29.39
CA ILE A 72 -18.26 3.38 -29.08
C ILE A 72 -18.70 4.37 -28.01
N TRP A 73 -17.87 4.54 -26.99
CA TRP A 73 -18.16 5.52 -25.95
C TRP A 73 -18.20 6.94 -26.50
N LYS A 74 -17.26 7.29 -27.38
CA LYS A 74 -17.26 8.64 -27.95
C LYS A 74 -18.52 8.92 -28.74
N ALA A 75 -19.09 7.88 -29.37
CA ALA A 75 -20.30 8.03 -30.16
C ALA A 75 -21.56 8.10 -29.29
N GLY A 76 -21.42 8.10 -27.97
CA GLY A 76 -22.56 8.17 -27.08
C GLY A 76 -23.21 6.84 -26.82
N ALA A 77 -22.58 5.75 -27.24
CA ALA A 77 -23.16 4.42 -27.20
C ALA A 77 -22.50 3.59 -26.11
N ALA A 78 -23.07 2.40 -25.89
CA ALA A 78 -22.56 1.44 -24.93
C ALA A 78 -22.05 0.22 -25.69
N TYR A 79 -20.97 -0.38 -25.20
CA TYR A 79 -20.44 -1.57 -25.84
C TYR A 79 -20.97 -2.83 -25.16
N VAL A 80 -21.21 -3.84 -25.96
CA VAL A 80 -21.59 -5.17 -25.51
C VAL A 80 -20.46 -6.13 -25.87
N PRO A 81 -19.55 -6.42 -24.95
CA PRO A 81 -18.37 -7.21 -25.30
C PRO A 81 -18.72 -8.68 -25.46
N VAL A 82 -18.32 -9.26 -26.58
CA VAL A 82 -18.55 -10.67 -26.88
C VAL A 82 -17.19 -11.33 -27.08
N ASP A 83 -16.91 -12.35 -26.29
CA ASP A 83 -15.65 -13.08 -26.44
C ASP A 83 -15.66 -13.89 -27.73
N ALA A 84 -14.62 -13.72 -28.54
CA ALA A 84 -14.51 -14.42 -29.81
C ALA A 84 -14.46 -15.93 -29.63
N GLY A 85 -14.23 -16.41 -28.42
CA GLY A 85 -14.25 -17.83 -28.15
C GLY A 85 -15.58 -18.37 -27.71
N TYR A 86 -16.60 -17.53 -27.58
CA TYR A 86 -17.90 -18.03 -27.18
C TYR A 86 -18.49 -18.89 -28.29
N PRO A 87 -19.24 -19.93 -27.95
CA PRO A 87 -19.98 -20.67 -28.99
C PRO A 87 -21.03 -19.78 -29.63
N ALA A 88 -21.38 -20.11 -30.86
CA ALA A 88 -22.29 -19.25 -31.62
C ALA A 88 -23.63 -19.03 -30.92
N PRO A 89 -24.24 -20.01 -30.27
CA PRO A 89 -25.56 -19.74 -29.65
C PRO A 89 -25.49 -18.70 -28.55
N ARG A 90 -24.41 -18.67 -27.77
CA ARG A 90 -24.29 -17.65 -26.74
C ARG A 90 -24.08 -16.27 -27.38
N VAL A 91 -23.26 -16.20 -28.43
CA VAL A 91 -23.09 -14.95 -29.14
C VAL A 91 -24.43 -14.44 -29.64
N ALA A 92 -25.21 -15.31 -30.29
CA ALA A 92 -26.49 -14.88 -30.83
C ALA A 92 -27.44 -14.43 -29.73
N PHE A 93 -27.50 -15.19 -28.63
CA PHE A 93 -28.38 -14.82 -27.53
C PHE A 93 -27.98 -13.47 -26.95
N MET A 94 -26.69 -13.30 -26.66
CA MET A 94 -26.21 -12.06 -26.05
C MET A 94 -26.53 -10.85 -26.92
N VAL A 95 -26.33 -10.97 -28.24
CA VAL A 95 -26.59 -9.85 -29.13
C VAL A 95 -28.06 -9.50 -29.13
N ALA A 96 -28.92 -10.51 -29.26
CA ALA A 96 -30.35 -10.26 -29.29
C ALA A 96 -30.84 -9.75 -27.94
N ASP A 97 -30.37 -10.37 -26.85
CA ASP A 97 -30.84 -9.97 -25.53
C ASP A 97 -30.45 -8.54 -25.22
N SER A 98 -29.25 -8.14 -25.61
CA SER A 98 -28.74 -6.80 -25.30
C SER A 98 -29.35 -5.71 -26.17
N GLY A 99 -30.01 -6.07 -27.27
CA GLY A 99 -30.52 -5.07 -28.16
C GLY A 99 -29.45 -4.40 -28.99
N ALA A 100 -28.30 -5.04 -29.14
CA ALA A 100 -27.24 -4.49 -29.97
C ALA A 100 -27.70 -4.53 -31.42
N SER A 101 -27.55 -3.42 -32.12
CA SER A 101 -27.98 -3.32 -33.50
C SER A 101 -26.83 -3.37 -34.49
N ARG A 102 -25.59 -3.24 -34.03
CA ARG A 102 -24.40 -3.27 -34.86
C ARG A 102 -23.31 -3.96 -34.07
N MET A 103 -22.36 -4.56 -34.79
CA MET A 103 -21.30 -5.33 -34.16
C MET A 103 -19.98 -5.00 -34.86
N VAL A 104 -19.02 -4.49 -34.10
CA VAL A 104 -17.68 -4.29 -34.64
C VAL A 104 -16.93 -5.61 -34.58
N CYS A 105 -16.28 -5.96 -35.68
CA CYS A 105 -15.53 -7.19 -35.80
C CYS A 105 -14.28 -6.91 -36.62
N SER A 106 -13.46 -7.94 -36.79
CA SER A 106 -12.29 -7.89 -37.64
C SER A 106 -12.45 -8.91 -38.76
N ALA A 107 -11.53 -8.86 -39.72
CA ALA A 107 -11.52 -9.86 -40.79
C ALA A 107 -11.53 -11.27 -40.22
N ALA A 108 -10.78 -11.50 -39.14
CA ALA A 108 -10.67 -12.83 -38.56
C ALA A 108 -11.96 -13.27 -37.86
N THR A 109 -12.72 -12.33 -37.29
CA THR A 109 -13.93 -12.68 -36.55
C THR A 109 -15.21 -12.41 -37.34
N ARG A 110 -15.10 -12.02 -38.60
CA ARG A 110 -16.25 -11.58 -39.37
C ARG A 110 -17.36 -12.64 -39.40
N ASP A 111 -16.98 -13.91 -39.57
CA ASP A 111 -17.99 -14.97 -39.68
C ASP A 111 -18.74 -15.21 -38.38
N GLY A 112 -18.32 -14.60 -37.28
CA GLY A 112 -18.98 -14.72 -36.01
C GLY A 112 -20.11 -13.74 -35.78
N VAL A 113 -20.32 -12.79 -36.69
CA VAL A 113 -21.42 -11.84 -36.57
C VAL A 113 -22.71 -12.56 -36.93
N PRO A 114 -23.72 -12.59 -36.05
CA PRO A 114 -24.96 -13.28 -36.39
C PRO A 114 -25.64 -12.66 -37.61
N GLU A 115 -26.33 -13.49 -38.38
CA GLU A 115 -27.05 -12.98 -39.54
C GLU A 115 -28.15 -12.03 -39.09
N GLY A 116 -28.29 -10.92 -39.81
CA GLY A 116 -29.26 -9.89 -39.48
C GLY A 116 -28.73 -8.75 -38.64
N ILE A 117 -27.50 -8.85 -38.13
CA ILE A 117 -26.86 -7.80 -37.36
C ILE A 117 -25.79 -7.18 -38.26
N GLU A 118 -25.68 -5.84 -38.23
CA GLU A 118 -24.69 -5.19 -39.08
C GLU A 118 -23.28 -5.53 -38.63
N ALA A 119 -22.46 -6.01 -39.56
CA ALA A 119 -21.04 -6.22 -39.31
C ALA A 119 -20.28 -4.97 -39.71
N ILE A 120 -19.49 -4.44 -38.78
CA ILE A 120 -18.61 -3.29 -39.03
C ILE A 120 -17.18 -3.76 -38.83
N VAL A 121 -16.43 -3.86 -39.92
CA VAL A 121 -15.05 -4.34 -39.84
C VAL A 121 -14.15 -3.17 -39.43
N VAL A 122 -13.44 -3.35 -38.32
CA VAL A 122 -12.80 -2.20 -37.67
C VAL A 122 -11.70 -1.62 -38.54
N THR A 123 -11.04 -2.43 -39.36
CA THR A 123 -9.97 -1.95 -40.21
C THR A 123 -10.44 -1.32 -41.51
N ASP A 124 -11.73 -1.40 -41.82
CA ASP A 124 -12.24 -0.76 -43.03
C ASP A 124 -12.20 0.76 -42.87
N GLU A 125 -11.87 1.46 -43.95
CA GLU A 125 -11.88 2.91 -43.98
C GLU A 125 -13.10 3.39 -44.74
N GLU A 126 -13.81 4.37 -44.18
CA GLU A 126 -15.04 4.84 -44.78
C GLU A 126 -15.09 6.37 -44.75
N ALA A 127 -15.94 6.92 -45.61
CA ALA A 127 -16.03 8.38 -45.79
C ALA A 127 -16.96 8.97 -44.73
N PHE A 128 -16.45 9.05 -43.51
CA PHE A 128 -17.10 9.77 -42.43
C PHE A 128 -16.04 10.57 -41.69
N GLU A 129 -16.38 11.79 -41.31
CA GLU A 129 -15.46 12.64 -40.58
C GLU A 129 -15.35 12.19 -39.12
N ALA A 130 -14.20 12.48 -38.51
CA ALA A 130 -14.04 12.24 -37.09
C ALA A 130 -15.05 13.07 -36.31
N SER A 131 -15.71 12.43 -35.36
CA SER A 131 -16.77 13.08 -34.59
C SER A 131 -16.94 12.33 -33.28
N ALA A 132 -17.42 13.05 -32.27
CA ALA A 132 -17.77 12.45 -30.99
C ALA A 132 -19.08 13.07 -30.53
N ALA A 133 -20.00 12.22 -30.08
CA ALA A 133 -21.20 12.73 -29.41
C ALA A 133 -20.94 12.97 -27.92
N GLY A 134 -20.03 12.21 -27.33
CA GLY A 134 -19.66 12.40 -25.95
C GLY A 134 -20.33 11.43 -25.01
N ALA A 135 -19.59 10.98 -24.00
CA ALA A 135 -20.13 10.15 -22.93
C ALA A 135 -20.65 11.02 -21.79
N ARG A 136 -21.72 10.56 -21.15
CA ARG A 136 -22.36 11.26 -20.05
C ARG A 136 -22.54 10.30 -18.89
N PRO A 137 -22.43 10.79 -17.65
CA PRO A 137 -22.32 9.84 -16.52
C PRO A 137 -23.53 8.93 -16.37
N GLY A 138 -24.73 9.44 -16.57
CA GLY A 138 -25.91 8.60 -16.43
C GLY A 138 -26.18 7.68 -17.59
N ASP A 139 -25.49 7.89 -18.71
CA ASP A 139 -25.69 7.06 -19.88
C ASP A 139 -25.08 5.68 -19.69
N LEU A 140 -25.62 4.73 -20.46
CA LEU A 140 -25.10 3.37 -20.44
C LEU A 140 -23.70 3.32 -21.03
N ALA A 141 -22.79 2.65 -20.31
CA ALA A 141 -21.43 2.44 -20.78
C ALA A 141 -21.21 1.06 -21.38
N TYR A 142 -21.72 0.00 -20.76
CA TYR A 142 -21.62 -1.33 -21.33
C TYR A 142 -22.72 -2.21 -20.76
N VAL A 143 -22.92 -3.35 -21.41
CA VAL A 143 -23.76 -4.44 -20.90
C VAL A 143 -22.87 -5.67 -20.84
N MET A 144 -22.58 -6.14 -19.64
CA MET A 144 -21.79 -7.36 -19.45
C MET A 144 -22.68 -8.46 -18.87
N TYR A 145 -22.46 -9.68 -19.32
CA TYR A 145 -23.31 -10.82 -18.98
C TYR A 145 -22.71 -11.63 -17.84
N THR A 146 -23.57 -12.04 -16.92
CA THR A 146 -23.21 -12.89 -15.80
C THR A 146 -22.93 -14.31 -16.28
N SER A 147 -22.38 -15.11 -15.39
CA SER A 147 -22.34 -16.57 -15.58
C SER A 147 -23.61 -17.18 -15.00
N GLY A 148 -24.74 -16.66 -15.47
CA GLY A 148 -26.02 -16.96 -14.88
C GLY A 148 -26.07 -16.44 -13.45
N ILE A 152 -28.89 -19.31 -17.37
CA ILE A 152 -29.17 -18.23 -18.30
C ILE A 152 -28.39 -16.97 -17.95
N PRO A 153 -27.48 -16.52 -18.81
CA PRO A 153 -26.75 -15.29 -18.50
C PRO A 153 -27.67 -14.09 -18.50
N LYS A 154 -27.42 -13.18 -17.57
CA LYS A 154 -28.21 -11.96 -17.41
C LYS A 154 -27.36 -10.78 -17.84
N GLY A 155 -27.99 -9.81 -18.50
CA GLY A 155 -27.28 -8.64 -18.96
C GLY A 155 -27.26 -7.53 -17.93
N VAL A 156 -26.08 -7.20 -17.41
CA VAL A 156 -25.94 -6.17 -16.39
C VAL A 156 -25.64 -4.84 -17.06
N ALA A 157 -26.50 -3.85 -16.86
CA ALA A 157 -26.41 -2.55 -17.52
C ALA A 157 -25.71 -1.56 -16.58
N VAL A 158 -24.52 -1.10 -16.98
CA VAL A 158 -23.64 -0.32 -16.12
C VAL A 158 -23.47 1.07 -16.72
N PRO A 159 -23.77 2.15 -15.97
CA PRO A 159 -23.62 3.50 -16.50
C PRO A 159 -22.18 4.00 -16.39
N HIS A 160 -21.90 5.04 -17.20
CA HIS A 160 -20.56 5.61 -17.23
C HIS A 160 -20.07 6.00 -15.84
N ARG A 161 -20.94 6.62 -15.05
CA ARG A 161 -20.53 7.09 -13.73
C ARG A 161 -19.94 5.95 -12.91
N SER A 162 -20.52 4.75 -13.00
CA SER A 162 -20.03 3.66 -12.17
C SER A 162 -18.69 3.15 -12.67
N VAL A 163 -18.52 3.07 -14.00
CA VAL A 163 -17.24 2.67 -14.56
C VAL A 163 -16.15 3.65 -14.16
N ALA A 164 -16.46 4.95 -14.15
CA ALA A 164 -15.45 5.94 -13.80
C ALA A 164 -15.16 5.92 -12.31
N GLU A 165 -16.19 5.73 -11.48
CA GLU A 165 -15.96 5.58 -10.04
C GLU A 165 -15.00 4.42 -9.78
N LEU A 166 -15.11 3.34 -10.56
CA LEU A 166 -14.18 2.23 -10.43
C LEU A 166 -12.82 2.58 -11.02
N ALA A 167 -12.78 2.96 -12.31
CA ALA A 167 -11.49 3.09 -12.99
C ALA A 167 -10.65 4.21 -12.40
N GLY A 168 -11.28 5.33 -12.03
CA GLY A 168 -10.59 6.47 -11.50
C GLY A 168 -10.37 6.45 -10.00
N ASN A 169 -10.63 5.32 -9.36
CA ASN A 169 -10.54 5.26 -7.92
C ASN A 169 -9.10 5.47 -7.47
N PRO A 170 -8.84 6.38 -6.52
CA PRO A 170 -7.45 6.63 -6.11
C PRO A 170 -6.76 5.41 -5.52
N GLY A 171 -7.51 4.45 -4.97
CA GLY A 171 -6.89 3.31 -4.32
C GLY A 171 -6.11 2.40 -5.24
N TRP A 172 -6.39 2.46 -6.54
CA TRP A 172 -5.62 1.63 -7.46
C TRP A 172 -4.13 1.96 -7.42
N ALA A 173 -3.79 3.24 -7.21
CA ALA A 173 -2.41 3.68 -7.06
C ALA A 173 -1.58 3.36 -8.31
N VAL A 174 -2.21 3.43 -9.48
CA VAL A 174 -1.52 3.20 -10.74
C VAL A 174 -0.98 4.54 -11.25
N GLU A 175 0.27 4.53 -11.70
CA GLU A 175 0.97 5.76 -12.04
C GLU A 175 1.35 5.76 -13.50
N PRO A 176 1.75 6.92 -14.05
CA PRO A 176 2.13 6.94 -15.48
C PRO A 176 3.25 5.97 -15.84
N GLY A 177 4.14 5.66 -14.91
CA GLY A 177 5.18 4.69 -15.17
C GLY A 177 4.74 3.24 -15.18
N ASP A 178 3.49 2.98 -14.84
CA ASP A 178 3.02 1.60 -14.78
C ASP A 178 2.69 1.07 -16.17
N ALA A 179 2.85 -0.24 -16.33
CA ALA A 179 2.47 -0.97 -17.53
C ALA A 179 1.67 -2.18 -17.08
N VAL A 180 0.40 -2.23 -17.45
CA VAL A 180 -0.53 -3.23 -16.96
C VAL A 180 -0.76 -4.26 -18.06
N LEU A 181 -0.62 -5.53 -17.72
CA LEU A 181 -0.81 -6.60 -18.68
C LEU A 181 -2.30 -6.80 -18.93
N MET A 182 -2.69 -6.86 -20.19
CA MET A 182 -4.08 -7.05 -20.59
C MET A 182 -4.20 -8.45 -21.18
N HIS A 183 -4.97 -9.31 -20.52
CA HIS A 183 -5.19 -10.65 -21.04
C HIS A 183 -6.54 -11.24 -20.64
N ALA A 184 -7.21 -10.66 -19.66
CA ALA A 184 -8.53 -11.13 -19.29
C ALA A 184 -9.52 -10.84 -20.43
N PRO A 185 -10.58 -11.66 -20.56
CA PRO A 185 -11.60 -11.34 -21.56
C PRO A 185 -12.19 -9.96 -21.29
N TYR A 186 -12.29 -9.15 -22.35
CA TYR A 186 -12.94 -7.85 -22.22
C TYR A 186 -14.44 -7.99 -22.00
N ALA A 187 -14.97 -9.21 -22.09
CA ALA A 187 -16.34 -9.51 -21.68
C ALA A 187 -16.47 -9.75 -20.17
N PHE A 188 -15.37 -9.71 -19.44
CA PHE A 188 -15.33 -9.84 -17.99
C PHE A 188 -14.90 -8.50 -17.39
N ASP A 189 -15.48 -8.11 -16.26
CA ASP A 189 -15.22 -6.75 -15.81
C ASP A 189 -13.85 -6.57 -15.14
N ALA A 190 -13.06 -7.64 -14.97
CA ALA A 190 -11.65 -7.44 -14.62
C ALA A 190 -10.92 -6.64 -15.69
N SER A 191 -11.41 -6.66 -16.93
CA SER A 191 -10.85 -5.83 -17.98
C SER A 191 -10.94 -4.35 -17.66
N LEU A 192 -11.84 -3.95 -16.76
CA LEU A 192 -11.87 -2.55 -16.36
C LEU A 192 -10.56 -2.15 -15.70
N PHE A 193 -9.95 -3.06 -14.94
CA PHE A 193 -8.64 -2.77 -14.38
C PHE A 193 -7.56 -2.84 -15.45
N GLU A 194 -7.62 -3.85 -16.32
CA GLU A 194 -6.54 -4.08 -17.26
C GLU A 194 -6.50 -3.03 -18.37
N ILE A 195 -7.63 -2.43 -18.70
CA ILE A 195 -7.72 -1.45 -19.79
C ILE A 195 -7.86 -0.03 -19.25
N TRP A 196 -8.92 0.23 -18.47
CA TRP A 196 -9.28 1.63 -18.21
C TRP A 196 -8.46 2.23 -17.07
N VAL A 197 -8.15 1.46 -16.03
CA VAL A 197 -7.36 2.00 -14.92
C VAL A 197 -6.03 2.57 -15.40
N PRO A 198 -5.20 1.84 -16.16
CA PRO A 198 -3.95 2.46 -16.63
C PRO A 198 -4.17 3.67 -17.52
N LEU A 199 -5.20 3.64 -18.36
CA LEU A 199 -5.40 4.75 -19.30
C LEU A 199 -5.86 6.01 -18.58
N VAL A 200 -6.66 5.90 -17.51
CA VAL A 200 -7.05 7.10 -16.78
C VAL A 200 -5.94 7.58 -15.86
N SER A 201 -4.88 6.79 -15.70
CA SER A 201 -3.76 7.10 -14.82
C SER A 201 -2.52 7.59 -15.58
N GLY A 202 -2.52 7.52 -16.90
CA GLY A 202 -1.37 7.91 -17.69
C GLY A 202 -0.40 6.79 -17.98
N GLY A 203 -0.67 5.58 -17.51
CA GLY A 203 0.18 4.44 -17.76
C GLY A 203 -0.14 3.81 -19.09
N ARG A 204 0.35 2.59 -19.28
CA ARG A 204 0.19 1.90 -20.55
C ARG A 204 -0.44 0.52 -20.37
N VAL A 205 -1.23 0.13 -21.38
CA VAL A 205 -1.82 -1.19 -21.50
C VAL A 205 -0.94 -2.03 -22.41
N VAL A 206 -0.52 -3.20 -21.92
CA VAL A 206 0.34 -4.10 -22.68
C VAL A 206 -0.50 -5.32 -23.08
N ILE A 207 -0.84 -5.40 -24.36
CA ILE A 207 -1.66 -6.50 -24.86
C ILE A 207 -0.86 -7.80 -24.83
N ALA A 208 -1.33 -8.77 -24.05
CA ALA A 208 -0.66 -10.06 -23.98
C ALA A 208 -0.67 -10.75 -25.33
N GLU A 209 0.40 -11.50 -25.60
CA GLU A 209 0.48 -12.30 -26.80
C GLU A 209 -0.66 -13.33 -26.80
N PRO A 210 -1.09 -13.79 -27.98
CA PRO A 210 -2.21 -14.72 -28.03
C PRO A 210 -1.97 -15.95 -27.18
N GLY A 211 -3.04 -16.46 -26.59
CA GLY A 211 -2.97 -17.66 -25.78
C GLY A 211 -3.01 -17.34 -24.31
N PRO A 212 -3.18 -18.36 -23.48
CA PRO A 212 -3.29 -18.13 -22.03
C PRO A 212 -1.97 -17.65 -21.45
N VAL A 213 -2.08 -16.74 -20.47
CA VAL A 213 -0.92 -16.24 -19.75
C VAL A 213 -0.60 -17.23 -18.63
N ASP A 214 0.51 -17.95 -18.78
CA ASP A 214 0.99 -18.87 -17.76
C ASP A 214 2.17 -18.23 -17.02
N ALA A 215 2.76 -18.97 -16.10
CA ALA A 215 3.85 -18.41 -15.30
C ALA A 215 5.01 -17.98 -16.17
N ARG A 216 5.38 -18.79 -17.16
CA ARG A 216 6.49 -18.45 -18.03
C ARG A 216 6.23 -17.16 -18.78
N ARG A 217 5.03 -17.01 -19.34
CA ARG A 217 4.69 -15.78 -20.06
C ARG A 217 4.58 -14.60 -19.12
N LEU A 218 4.13 -14.81 -17.88
CA LEU A 218 4.11 -13.73 -16.90
C LEU A 218 5.53 -13.24 -16.63
N ARG A 219 6.46 -14.17 -16.42
CA ARG A 219 7.84 -13.79 -16.18
C ARG A 219 8.41 -13.02 -17.37
N GLU A 220 8.09 -13.46 -18.59
CA GLU A 220 8.56 -12.75 -19.77
C GLU A 220 7.95 -11.35 -19.86
N ALA A 221 6.66 -11.22 -19.52
CA ALA A 221 6.05 -9.90 -19.54
C ALA A 221 6.69 -8.98 -18.51
N ILE A 222 6.96 -9.50 -17.31
CA ILE A 222 7.60 -8.69 -16.26
C ILE A 222 8.98 -8.25 -16.72
N SER A 223 9.73 -9.13 -17.38
CA SER A 223 11.06 -8.76 -17.87
C SER A 223 10.97 -7.65 -18.91
N SER A 224 9.88 -7.59 -19.67
CA SER A 224 9.74 -6.56 -20.70
C SER A 224 9.23 -5.24 -20.14
N GLY A 225 8.87 -5.18 -18.86
CA GLY A 225 8.47 -3.94 -18.23
C GLY A 225 7.07 -3.92 -17.62
N VAL A 226 6.30 -5.01 -17.64
CA VAL A 226 5.01 -5.01 -16.98
C VAL A 226 5.22 -4.87 -15.48
N THR A 227 4.43 -3.98 -14.86
CA THR A 227 4.56 -3.71 -13.44
C THR A 227 3.39 -4.22 -12.61
N ARG A 228 2.23 -4.47 -13.23
CA ARG A 228 1.03 -4.89 -12.53
C ARG A 228 0.29 -5.92 -13.38
N ALA A 229 -0.24 -6.95 -12.72
CA ALA A 229 -0.96 -7.99 -13.42
C ALA A 229 -2.08 -8.54 -12.54
N TYR A 230 -3.23 -8.76 -13.15
CA TYR A 230 -4.36 -9.44 -12.53
C TYR A 230 -4.38 -10.89 -13.02
N LEU A 231 -4.65 -11.81 -12.10
CA LEU A 231 -4.91 -13.20 -12.44
C LEU A 231 -6.22 -13.64 -11.81
N THR A 232 -6.99 -14.44 -12.53
CA THR A 232 -8.16 -15.06 -11.92
C THR A 232 -7.73 -15.87 -10.70
N ALA A 233 -8.69 -16.11 -9.79
CA ALA A 233 -8.39 -16.88 -8.60
C ALA A 233 -7.79 -18.24 -8.95
N GLY A 234 -8.36 -18.93 -9.94
CA GLY A 234 -7.84 -20.23 -10.31
C GLY A 234 -6.41 -20.16 -10.79
N SER A 235 -6.11 -19.20 -11.66
N SER A 235 -6.11 -19.18 -11.65
CA SER A 235 -4.75 -19.07 -12.17
CA SER A 235 -4.75 -19.06 -12.18
C SER A 235 -3.79 -18.63 -11.07
C SER A 235 -3.77 -18.59 -11.10
N PHE A 236 -4.23 -17.70 -10.22
CA PHE A 236 -3.37 -17.25 -9.12
C PHE A 236 -3.03 -18.39 -8.19
N ARG A 237 -4.02 -19.19 -7.80
CA ARG A 237 -3.76 -20.32 -6.91
C ARG A 237 -2.76 -21.28 -7.54
N ALA A 238 -2.93 -21.56 -8.83
CA ALA A 238 -2.04 -22.49 -9.52
C ALA A 238 -0.62 -21.98 -9.54
N VAL A 239 -0.43 -20.72 -9.92
CA VAL A 239 0.92 -20.16 -9.98
C VAL A 239 1.49 -20.03 -8.56
N ALA A 240 0.65 -19.65 -7.60
CA ALA A 240 1.14 -19.51 -6.23
C ALA A 240 1.65 -20.82 -5.67
N GLU A 241 1.01 -21.94 -6.02
CA GLU A 241 1.46 -23.24 -5.54
C GLU A 241 2.58 -23.83 -6.38
N GLU A 242 2.63 -23.55 -7.68
CA GLU A 242 3.57 -24.20 -8.58
C GLU A 242 4.85 -23.40 -8.79
N SER A 243 4.76 -22.06 -8.85
CA SER A 243 5.88 -21.21 -9.21
C SER A 243 5.68 -19.81 -8.64
N PRO A 244 5.56 -19.68 -7.32
CA PRO A 244 5.26 -18.36 -6.74
C PRO A 244 6.32 -17.31 -7.03
N GLU A 245 7.56 -17.72 -7.30
CA GLU A 245 8.60 -16.76 -7.64
C GLU A 245 8.36 -16.07 -8.98
N SER A 246 7.42 -16.57 -9.78
CA SER A 246 7.17 -15.96 -11.09
C SER A 246 6.57 -14.56 -10.99
N PHE A 247 6.03 -14.19 -9.82
CA PHE A 247 5.53 -12.84 -9.61
C PHE A 247 6.65 -11.84 -9.30
N ALA A 248 7.88 -12.31 -9.13
CA ALA A 248 8.97 -11.42 -8.73
C ALA A 248 9.18 -10.33 -9.76
N GLY A 249 9.30 -9.09 -9.29
CA GLY A 249 9.49 -7.95 -10.13
C GLY A 249 8.24 -7.13 -10.36
N LEU A 250 7.06 -7.70 -10.12
CA LEU A 250 5.84 -6.93 -10.21
C LEU A 250 5.76 -5.91 -9.08
N ARG A 251 5.22 -4.73 -9.38
CA ARG A 251 4.86 -3.85 -8.26
C ARG A 251 3.65 -4.41 -7.51
N GLU A 252 2.67 -4.96 -8.23
CA GLU A 252 1.46 -5.45 -7.59
C GLU A 252 0.86 -6.58 -8.43
N VAL A 253 0.45 -7.65 -7.75
CA VAL A 253 -0.35 -8.71 -8.35
C VAL A 253 -1.74 -8.63 -7.74
N LEU A 254 -2.76 -8.79 -8.58
CA LEU A 254 -4.16 -8.67 -8.17
C LEU A 254 -4.89 -9.95 -8.51
N THR A 255 -5.86 -10.31 -7.67
CA THR A 255 -6.67 -11.50 -7.92
C THR A 255 -8.00 -11.38 -7.21
N GLY A 256 -8.91 -12.28 -7.57
CA GLY A 256 -10.22 -12.30 -6.97
C GLY A 256 -11.19 -12.99 -7.91
N GLY A 257 -12.43 -13.06 -7.44
CA GLY A 257 -13.48 -13.72 -8.20
C GLY A 257 -13.97 -14.98 -7.52
N ASP A 258 -13.14 -16.01 -7.54
CA ASP A 258 -13.42 -17.26 -6.85
C ASP A 258 -12.58 -17.33 -5.58
N VAL A 259 -12.69 -18.44 -4.86
CA VAL A 259 -11.99 -18.55 -3.59
C VAL A 259 -10.49 -18.52 -3.83
N VAL A 260 -9.79 -17.68 -3.04
CA VAL A 260 -8.33 -17.66 -2.99
C VAL A 260 -7.94 -18.03 -1.57
N PRO A 261 -7.28 -19.18 -1.35
CA PRO A 261 -6.91 -19.53 0.03
C PRO A 261 -5.77 -18.67 0.55
N ALA A 262 -5.80 -18.40 1.85
CA ALA A 262 -4.73 -17.63 2.47
C ALA A 262 -3.37 -18.25 2.16
N HIS A 263 -3.31 -19.59 2.12
CA HIS A 263 -2.04 -20.26 1.86
C HIS A 263 -1.44 -19.81 0.52
N ALA A 264 -2.27 -19.59 -0.50
CA ALA A 264 -1.76 -19.17 -1.79
C ALA A 264 -1.09 -17.80 -1.69
N VAL A 265 -1.71 -16.87 -0.97
CA VAL A 265 -1.10 -15.56 -0.75
C VAL A 265 0.20 -15.71 0.03
N ALA A 266 0.20 -16.57 1.06
CA ALA A 266 1.39 -16.73 1.89
C ALA A 266 2.57 -17.22 1.05
N ARG A 267 2.30 -18.14 0.12
CA ARG A 267 3.37 -18.66 -0.73
C ARG A 267 3.97 -17.56 -1.60
N VAL A 268 3.13 -16.69 -2.17
CA VAL A 268 3.64 -15.63 -3.03
C VAL A 268 4.47 -14.64 -2.22
N ARG A 269 3.98 -14.26 -1.03
CA ARG A 269 4.74 -13.35 -0.17
C ARG A 269 6.07 -13.98 0.22
N SER A 270 6.09 -15.27 0.51
CA SER A 270 7.35 -15.92 0.87
C SER A 270 8.35 -15.85 -0.28
N ALA A 271 7.88 -16.10 -1.51
CA ALA A 271 8.78 -16.09 -2.67
C ALA A 271 9.09 -14.68 -3.15
N CYS A 272 8.18 -13.73 -2.93
CA CYS A 272 8.28 -12.39 -3.47
C CYS A 272 8.02 -11.39 -2.35
N PRO A 273 9.00 -11.16 -1.49
CA PRO A 273 8.74 -10.26 -0.34
C PRO A 273 8.26 -8.87 -0.74
N ARG A 274 8.62 -8.37 -1.91
CA ARG A 274 8.38 -6.96 -2.23
C ARG A 274 7.12 -6.72 -3.04
N VAL A 275 6.44 -7.75 -3.52
CA VAL A 275 5.28 -7.53 -4.38
C VAL A 275 4.05 -7.27 -3.52
N ARG A 276 3.35 -6.17 -3.81
CA ARG A 276 2.04 -5.94 -3.25
C ARG A 276 1.07 -6.98 -3.78
N ILE A 277 0.21 -7.51 -2.92
CA ILE A 277 -0.79 -8.50 -3.32
C ILE A 277 -2.15 -7.94 -2.98
N ARG A 278 -2.99 -7.74 -3.98
CA ARG A 278 -4.32 -7.19 -3.77
C ARG A 278 -5.36 -8.27 -4.07
N HIS A 279 -6.12 -8.63 -3.04
CA HIS A 279 -7.26 -9.54 -3.16
C HIS A 279 -8.52 -8.71 -3.31
N MET A 280 -9.32 -9.02 -4.33
CA MET A 280 -10.48 -8.22 -4.68
C MET A 280 -11.74 -9.06 -4.63
N TYR A 281 -12.85 -8.40 -4.28
CA TYR A 281 -14.16 -9.06 -4.19
C TYR A 281 -15.21 -8.16 -4.80
N GLY A 282 -16.11 -8.74 -5.59
CA GLY A 282 -17.27 -8.01 -6.02
C GLY A 282 -17.95 -8.59 -7.24
N PRO A 283 -19.27 -8.47 -7.27
CA PRO A 283 -20.02 -8.98 -8.42
C PRO A 283 -20.04 -8.00 -9.58
N THR A 284 -20.39 -8.52 -10.75
CA THR A 284 -20.53 -7.68 -11.93
C THR A 284 -21.55 -6.58 -11.69
N GLU A 285 -22.55 -6.84 -10.85
CA GLU A 285 -23.61 -5.89 -10.58
C GLU A 285 -23.11 -4.63 -9.86
N THR A 286 -21.91 -4.65 -9.29
CA THR A 286 -21.35 -3.45 -8.66
C THR A 286 -19.99 -3.06 -9.25
N THR A 287 -19.77 -3.37 -10.52
CA THR A 287 -18.66 -2.88 -11.33
C THR A 287 -17.29 -3.34 -10.81
N MET A 288 -16.98 -4.59 -11.12
CA MET A 288 -15.71 -5.27 -10.93
C MET A 288 -15.41 -5.65 -9.48
N CYS A 289 -15.17 -4.66 -8.62
N CYS A 289 -15.29 -4.65 -8.60
CA CYS A 289 -14.90 -5.01 -7.23
CA CYS A 289 -14.75 -4.83 -7.26
C CYS A 289 -15.41 -3.90 -6.32
C CYS A 289 -15.43 -3.85 -6.31
N ALA A 290 -15.91 -4.34 -5.16
CA ALA A 290 -16.49 -3.48 -4.14
C ALA A 290 -15.68 -3.43 -2.87
N THR A 291 -14.93 -4.49 -2.55
CA THR A 291 -14.04 -4.50 -1.40
C THR A 291 -12.71 -5.10 -1.84
N TRP A 292 -11.64 -4.73 -1.12
CA TRP A 292 -10.35 -5.31 -1.44
C TRP A 292 -9.49 -5.35 -0.19
N HIS A 293 -8.52 -6.26 -0.21
CA HIS A 293 -7.55 -6.43 0.86
C HIS A 293 -6.17 -6.37 0.23
N LEU A 294 -5.34 -5.43 0.68
CA LEU A 294 -4.00 -5.23 0.13
C LEU A 294 -2.98 -5.68 1.15
N LEU A 295 -2.16 -6.66 0.77
CA LEU A 295 -1.05 -7.11 1.61
C LEU A 295 0.20 -6.34 1.16
N GLU A 296 0.66 -5.43 2.01
CA GLU A 296 1.84 -4.62 1.69
C GLU A 296 3.10 -5.48 1.62
N PRO A 297 4.12 -5.01 0.91
CA PRO A 297 5.37 -5.79 0.85
C PRO A 297 5.91 -6.07 2.25
N GLY A 298 6.39 -7.31 2.42
CA GLY A 298 6.94 -7.77 3.67
C GLY A 298 5.94 -8.29 4.68
N ASP A 299 4.68 -7.89 4.58
CA ASP A 299 3.68 -8.30 5.55
C ASP A 299 3.22 -9.73 5.27
N GLU A 300 2.87 -10.44 6.33
CA GLU A 300 2.36 -11.81 6.23
C GLU A 300 0.85 -11.78 6.39
N ILE A 301 0.18 -12.70 5.70
CA ILE A 301 -1.28 -12.67 5.67
C ILE A 301 -1.89 -13.21 6.97
N GLY A 302 -1.39 -14.31 7.49
CA GLY A 302 -2.02 -14.94 8.63
C GLY A 302 -3.04 -15.96 8.16
N PRO A 303 -3.90 -16.42 9.08
CA PRO A 303 -4.75 -17.59 8.76
C PRO A 303 -5.95 -17.35 7.86
N VAL A 304 -6.49 -16.14 7.78
CA VAL A 304 -7.69 -15.90 6.97
C VAL A 304 -7.40 -14.74 6.03
N LEU A 305 -7.77 -14.91 4.76
CA LEU A 305 -7.64 -13.85 3.77
C LEU A 305 -8.94 -13.06 3.73
N PRO A 306 -8.97 -11.84 4.25
CA PRO A 306 -10.22 -11.06 4.19
C PRO A 306 -10.59 -10.75 2.75
N ILE A 307 -11.90 -10.53 2.52
CA ILE A 307 -12.29 -9.82 1.31
C ILE A 307 -12.05 -8.33 1.47
N GLY A 308 -11.84 -7.88 2.71
CA GLY A 308 -11.22 -6.59 2.94
C GLY A 308 -12.18 -5.48 3.32
N ARG A 309 -11.88 -4.27 2.84
CA ARG A 309 -12.67 -3.09 3.14
C ARG A 309 -13.25 -2.50 1.85
N PRO A 310 -14.42 -1.88 1.95
CA PRO A 310 -14.99 -1.21 0.76
C PRO A 310 -13.97 -0.30 0.10
N LEU A 311 -14.02 -0.25 -1.23
CA LEU A 311 -13.24 0.74 -1.95
C LEU A 311 -13.65 2.15 -1.53
N PRO A 312 -12.75 3.13 -1.59
CA PRO A 312 -13.16 4.52 -1.38
C PRO A 312 -14.39 4.87 -2.19
N GLY A 313 -15.36 5.50 -1.54
CA GLY A 313 -16.62 5.84 -2.17
C GLY A 313 -17.70 4.79 -2.06
N ARG A 314 -17.38 3.62 -1.51
CA ARG A 314 -18.35 2.54 -1.40
C ARG A 314 -18.64 2.23 0.06
N ARG A 315 -19.78 1.59 0.27
CA ARG A 315 -20.21 1.17 1.59
C ARG A 315 -20.62 -0.30 1.55
N ALA A 316 -20.40 -0.98 2.67
CA ALA A 316 -20.87 -2.35 2.86
C ALA A 316 -21.69 -2.42 4.14
N GLN A 317 -22.68 -3.31 4.13
CA GLN A 317 -23.51 -3.56 5.30
C GLN A 317 -23.68 -5.06 5.49
N VAL A 318 -23.62 -5.50 6.74
CA VAL A 318 -23.89 -6.87 7.12
C VAL A 318 -25.12 -6.84 8.01
N LEU A 319 -26.24 -7.35 7.50
CA LEU A 319 -27.52 -7.30 8.17
C LEU A 319 -28.03 -8.71 8.45
N ASP A 320 -28.80 -8.84 9.54
CA ASP A 320 -29.42 -10.10 9.90
C ASP A 320 -30.75 -10.23 9.13
N ALA A 321 -31.53 -11.27 9.44
CA ALA A 321 -32.75 -11.55 8.69
C ALA A 321 -33.85 -10.53 8.94
N SER A 322 -33.73 -9.68 9.96
CA SER A 322 -34.67 -8.58 10.19
C SER A 322 -34.11 -7.26 9.68
N LEU A 323 -33.02 -7.32 8.90
CA LEU A 323 -32.36 -6.16 8.29
C LEU A 323 -31.71 -5.24 9.32
N ARG A 324 -31.33 -5.79 10.47
CA ARG A 324 -30.63 -5.06 11.51
C ARG A 324 -29.13 -5.26 11.36
N ALA A 325 -28.37 -4.20 11.58
CA ALA A 325 -26.91 -4.30 11.48
C ALA A 325 -26.37 -5.14 12.62
N VAL A 326 -25.51 -6.10 12.31
CA VAL A 326 -24.96 -6.99 13.31
C VAL A 326 -23.62 -6.46 13.81
N ALA A 327 -23.21 -6.96 14.97
CA ALA A 327 -21.94 -6.57 15.58
C ALA A 327 -20.81 -7.33 14.91
N PRO A 328 -19.56 -6.92 15.17
CA PRO A 328 -18.42 -7.68 14.63
C PRO A 328 -18.44 -9.12 15.10
N GLY A 329 -17.95 -10.01 14.24
CA GLY A 329 -17.89 -11.42 14.54
C GLY A 329 -19.19 -12.16 14.36
N VAL A 330 -20.24 -11.50 13.86
CA VAL A 330 -21.53 -12.12 13.62
C VAL A 330 -21.76 -12.22 12.12
N ILE A 331 -22.09 -13.42 11.65
CA ILE A 331 -22.32 -13.66 10.23
C ILE A 331 -23.69 -13.11 9.85
N GLY A 332 -23.74 -12.35 8.76
CA GLY A 332 -25.00 -11.86 8.22
C GLY A 332 -24.96 -11.75 6.71
N ASP A 333 -26.01 -11.18 6.12
CA ASP A 333 -26.08 -10.99 4.68
C ASP A 333 -25.31 -9.75 4.26
N LEU A 334 -24.55 -9.87 3.17
CA LEU A 334 -23.71 -8.76 2.71
C LEU A 334 -24.44 -7.96 1.63
N TYR A 335 -24.51 -6.64 1.86
CA TYR A 335 -25.09 -5.68 0.93
C TYR A 335 -24.04 -4.63 0.58
N LEU A 336 -24.03 -4.21 -0.68
CA LEU A 336 -23.05 -3.27 -1.21
C LEU A 336 -23.73 -2.01 -1.69
N SER A 337 -23.22 -0.85 -1.30
CA SER A 337 -23.86 0.41 -1.68
C SER A 337 -22.79 1.46 -1.93
N GLY A 338 -23.23 2.69 -2.16
CA GLY A 338 -22.34 3.75 -2.57
C GLY A 338 -22.03 3.69 -4.05
N ALA A 339 -20.78 3.96 -4.43
CA ALA A 339 -20.44 4.04 -5.83
C ALA A 339 -20.51 2.66 -6.49
N GLY A 340 -20.62 2.67 -7.82
CA GLY A 340 -20.38 1.48 -8.61
C GLY A 340 -21.57 0.61 -8.95
N LEU A 341 -22.78 0.96 -8.53
CA LEU A 341 -23.91 0.08 -8.82
C LEU A 341 -24.30 0.14 -10.29
N ALA A 342 -24.68 -1.02 -10.84
CA ALA A 342 -25.30 -1.06 -12.15
C ALA A 342 -26.68 -0.39 -12.09
N ASP A 343 -27.20 -0.02 -13.27
CA ASP A 343 -28.58 0.42 -13.34
C ASP A 343 -29.53 -0.72 -13.01
N GLY A 344 -29.20 -1.92 -13.45
CA GLY A 344 -29.99 -3.10 -13.22
C GLY A 344 -29.71 -4.12 -14.32
N TYR A 345 -30.63 -5.06 -14.45
CA TYR A 345 -30.54 -6.11 -15.46
C TYR A 345 -31.41 -5.76 -16.66
N LEU A 346 -30.82 -5.83 -17.86
CA LEU A 346 -31.58 -5.57 -19.07
C LEU A 346 -32.77 -6.52 -19.21
N ARG A 347 -33.92 -5.94 -19.53
CA ARG A 347 -35.18 -6.66 -19.79
C ARG A 347 -35.74 -7.36 -18.56
N ARG A 348 -35.19 -7.11 -17.37
CA ARG A 348 -35.56 -7.85 -16.16
C ARG A 348 -35.81 -6.85 -15.03
N ALA A 349 -36.94 -6.14 -15.12
CA ALA A 349 -37.26 -5.16 -14.10
C ALA A 349 -37.51 -5.83 -12.75
N GLY A 350 -38.22 -6.97 -12.75
CA GLY A 350 -38.48 -7.65 -11.50
C GLY A 350 -37.23 -8.13 -10.81
N LEU A 351 -36.34 -8.78 -11.56
CA LEU A 351 -35.09 -9.23 -10.98
C LEU A 351 -34.27 -8.04 -10.47
N THR A 352 -34.31 -6.92 -11.19
CA THR A 352 -33.61 -5.72 -10.72
C THR A 352 -34.17 -5.26 -9.39
N ALA A 353 -35.50 -5.19 -9.27
CA ALA A 353 -36.13 -4.78 -8.02
C ALA A 353 -35.91 -5.79 -6.90
N GLU A 354 -35.57 -7.03 -7.25
CA GLU A 354 -35.34 -8.08 -6.27
C GLU A 354 -33.93 -8.06 -5.70
N ARG A 355 -32.96 -7.49 -6.41
CA ARG A 355 -31.57 -7.53 -5.98
C ARG A 355 -30.96 -6.16 -5.76
N PHE A 356 -31.45 -5.12 -6.44
CA PHE A 356 -31.02 -3.74 -6.20
C PHE A 356 -32.12 -3.10 -5.35
N VAL A 357 -31.98 -3.21 -4.03
CA VAL A 357 -33.07 -2.92 -3.11
C VAL A 357 -32.80 -1.60 -2.39
N ALA A 358 -33.83 -1.10 -1.71
CA ALA A 358 -33.70 0.17 -1.00
C ALA A 358 -32.66 0.04 0.11
N ASP A 359 -31.85 1.10 0.26
CA ASP A 359 -30.76 1.13 1.24
C ASP A 359 -31.22 1.93 2.44
N PRO A 360 -31.41 1.31 3.61
CA PRO A 360 -31.90 2.08 4.77
C PRO A 360 -30.90 3.12 5.26
N SER A 361 -29.62 3.03 4.87
CA SER A 361 -28.58 3.91 5.37
C SER A 361 -28.42 5.19 4.56
N ALA A 362 -29.01 5.28 3.36
CA ALA A 362 -28.85 6.48 2.55
C ALA A 362 -30.15 6.84 1.85
N PRO A 363 -30.68 8.05 2.05
CA PRO A 363 -32.04 8.34 1.54
C PRO A 363 -32.12 8.18 0.03
N GLY A 364 -33.16 7.45 -0.39
CA GLY A 364 -33.43 7.23 -1.80
C GLY A 364 -32.49 6.31 -2.51
N ALA A 365 -31.45 5.82 -1.84
CA ALA A 365 -30.41 5.05 -2.52
C ALA A 365 -30.74 3.56 -2.52
N ARG A 366 -30.00 2.83 -3.36
CA ARG A 366 -30.10 1.39 -3.47
C ARG A 366 -28.83 0.72 -2.96
N MET A 367 -28.96 -0.55 -2.58
CA MET A 367 -27.84 -1.41 -2.28
C MET A 367 -28.02 -2.72 -3.03
N TYR A 368 -26.91 -3.33 -3.43
CA TYR A 368 -26.98 -4.60 -4.15
C TYR A 368 -26.89 -5.76 -3.17
N ARG A 369 -27.84 -6.71 -3.28
CA ARG A 369 -27.83 -7.90 -2.44
C ARG A 369 -26.89 -8.93 -3.05
N THR A 370 -25.76 -9.18 -2.39
CA THR A 370 -24.74 -10.06 -2.96
C THR A 370 -25.18 -11.52 -2.96
N GLY A 371 -26.07 -11.89 -2.05
CA GLY A 371 -26.34 -13.29 -1.79
C GLY A 371 -25.23 -14.01 -1.06
N ASP A 372 -24.20 -13.29 -0.64
CA ASP A 372 -23.09 -13.84 0.13
C ASP A 372 -23.28 -13.53 1.62
N LEU A 373 -22.65 -14.33 2.45
CA LEU A 373 -22.59 -14.10 3.89
C LEU A 373 -21.21 -13.54 4.23
N ALA A 374 -21.16 -12.70 5.25
CA ALA A 374 -19.90 -12.13 5.69
C ALA A 374 -20.02 -11.73 7.15
N GLN A 375 -18.87 -11.40 7.75
CA GLN A 375 -18.84 -10.86 9.09
C GLN A 375 -17.81 -9.76 9.16
N TRP A 376 -18.07 -8.76 9.99
CA TRP A 376 -17.08 -7.72 10.23
C TRP A 376 -16.04 -8.22 11.23
N THR A 377 -14.80 -7.76 11.06
CA THR A 377 -13.85 -7.77 12.15
C THR A 377 -14.05 -6.51 12.99
N ALA A 378 -13.41 -6.48 14.17
CA ALA A 378 -13.55 -5.31 15.02
C ALA A 378 -13.01 -4.04 14.37
N ASP A 379 -12.04 -4.18 13.46
CA ASP A 379 -11.39 -3.04 12.84
C ASP A 379 -12.01 -2.66 11.50
N GLY A 380 -13.13 -3.27 11.14
CA GLY A 380 -13.87 -2.86 9.97
C GLY A 380 -13.55 -3.59 8.68
N ALA A 381 -12.84 -4.70 8.74
CA ALA A 381 -12.64 -5.53 7.56
C ALA A 381 -13.73 -6.59 7.48
N LEU A 382 -13.90 -7.15 6.29
CA LEU A 382 -14.93 -8.15 6.02
C LEU A 382 -14.28 -9.49 5.75
N LEU A 383 -14.83 -10.53 6.37
CA LEU A 383 -14.47 -11.91 6.08
C LEU A 383 -15.62 -12.59 5.35
N PHE A 384 -15.31 -13.25 4.23
CA PHE A 384 -16.30 -14.02 3.52
C PHE A 384 -16.72 -15.23 4.35
N ALA A 385 -18.03 -15.48 4.42
CA ALA A 385 -18.53 -16.58 5.22
C ALA A 385 -19.44 -17.52 4.42
N GLY A 386 -19.38 -17.48 3.10
CA GLY A 386 -20.10 -18.42 2.25
C GLY A 386 -21.32 -17.81 1.59
N ARG A 387 -22.02 -18.65 0.85
CA ARG A 387 -23.22 -18.26 0.13
C ARG A 387 -24.45 -18.42 1.02
N ALA A 388 -25.34 -17.42 0.97
CA ALA A 388 -26.62 -17.53 1.67
C ALA A 388 -27.40 -18.78 1.30
N ASP A 389 -27.07 -19.40 0.15
CA ASP A 389 -27.73 -20.63 -0.26
C ASP A 389 -27.40 -21.77 0.69
N SER B 2 23.08 -8.89 7.89
CA SER B 2 23.55 -8.12 6.73
C SER B 2 24.15 -6.78 7.22
N THR B 3 24.63 -5.98 6.28
CA THR B 3 25.10 -4.63 6.56
C THR B 3 24.60 -3.73 5.44
N VAL B 4 24.46 -2.42 5.72
CA VAL B 4 24.09 -1.48 4.67
C VAL B 4 25.16 -1.44 3.58
N PRO B 5 26.46 -1.44 3.89
CA PRO B 5 27.46 -1.54 2.81
C PRO B 5 27.27 -2.76 1.93
N GLU B 6 26.84 -3.91 2.49
CA GLU B 6 26.59 -5.07 1.65
C GLU B 6 25.41 -4.81 0.72
N LEU B 7 24.32 -4.29 1.27
CA LEU B 7 23.13 -3.98 0.47
C LEU B 7 23.45 -2.93 -0.59
N LEU B 8 24.22 -1.91 -0.22
CA LEU B 8 24.59 -0.87 -1.18
C LEU B 8 25.45 -1.44 -2.30
N ALA B 9 26.36 -2.36 -1.96
CA ALA B 9 27.21 -2.95 -3.00
C ALA B 9 26.37 -3.70 -4.03
N ARG B 10 25.27 -4.31 -3.59
CA ARG B 10 24.37 -4.97 -4.55
C ARG B 10 23.84 -3.98 -5.57
N GLN B 11 23.51 -2.75 -5.12
CA GLN B 11 23.01 -1.75 -6.04
C GLN B 11 24.13 -1.19 -6.93
N VAL B 12 25.34 -1.09 -6.39
CA VAL B 12 26.46 -0.66 -7.21
C VAL B 12 26.69 -1.64 -8.34
N THR B 13 26.59 -2.95 -8.05
CA THR B 13 26.73 -3.95 -9.08
C THR B 13 25.59 -3.87 -10.08
N ARG B 14 24.37 -3.65 -9.61
CA ARG B 14 23.21 -3.75 -10.49
C ARG B 14 23.09 -2.54 -11.42
N ALA B 15 23.37 -1.34 -10.92
CA ALA B 15 23.19 -0.11 -11.69
C ALA B 15 24.22 0.92 -11.25
N PRO B 16 25.48 0.72 -11.63
CA PRO B 16 26.53 1.62 -11.13
C PRO B 16 26.39 3.07 -11.58
N ASP B 17 25.76 3.31 -12.72
CA ASP B 17 25.67 4.66 -13.27
C ASP B 17 24.35 5.34 -12.95
N ALA B 18 23.50 4.70 -12.15
CA ALA B 18 22.31 5.36 -11.64
C ALA B 18 22.68 6.42 -10.61
N VAL B 19 21.81 7.43 -10.48
CA VAL B 19 22.05 8.52 -9.54
C VAL B 19 21.82 8.05 -8.12
N ALA B 20 22.76 8.36 -7.24
CA ALA B 20 22.65 8.03 -5.81
C ALA B 20 22.39 9.25 -4.94
N VAL B 21 23.15 10.33 -5.13
CA VAL B 21 23.07 11.51 -4.29
C VAL B 21 23.02 12.75 -5.17
N VAL B 22 22.10 13.64 -4.85
CA VAL B 22 21.98 14.92 -5.53
C VAL B 22 22.08 16.01 -4.46
N ASP B 23 23.12 16.84 -4.57
CA ASP B 23 23.34 17.97 -3.66
C ASP B 23 23.57 19.22 -4.51
N ARG B 24 22.54 20.06 -4.63
CA ARG B 24 22.59 21.28 -5.44
C ARG B 24 23.07 20.89 -6.84
N ASP B 25 24.12 21.49 -7.39
CA ASP B 25 24.61 21.09 -8.71
C ASP B 25 25.25 19.71 -8.68
N ARG B 26 25.86 19.32 -7.55
CA ARG B 26 26.65 18.10 -7.51
C ARG B 26 25.79 16.85 -7.50
N VAL B 27 26.17 15.88 -8.32
CA VAL B 27 25.47 14.61 -8.45
C VAL B 27 26.48 13.49 -8.38
N LEU B 28 26.19 12.48 -7.55
CA LEU B 28 27.03 11.30 -7.44
C LEU B 28 26.24 10.08 -7.90
N THR B 29 26.83 9.30 -8.79
CA THR B 29 26.26 8.00 -9.11
C THR B 29 26.61 7.00 -8.01
N TYR B 30 26.01 5.81 -8.10
CA TYR B 30 26.33 4.75 -7.14
C TYR B 30 27.81 4.41 -7.18
N ARG B 31 28.37 4.20 -8.36
CA ARG B 31 29.79 3.89 -8.43
C ARG B 31 30.65 5.05 -7.94
N GLU B 32 30.28 6.29 -8.29
CA GLU B 32 31.06 7.43 -7.85
C GLU B 32 31.03 7.55 -6.33
N LEU B 33 29.85 7.37 -5.73
CA LEU B 33 29.73 7.40 -4.28
C LEU B 33 30.59 6.33 -3.64
N ASP B 34 30.56 5.11 -4.19
CA ASP B 34 31.36 4.03 -3.66
C ASP B 34 32.85 4.34 -3.79
N GLU B 35 33.27 4.89 -4.92
CA GLU B 35 34.68 5.20 -5.13
C GLU B 35 35.16 6.31 -4.21
N LEU B 36 34.36 7.37 -4.04
CA LEU B 36 34.76 8.43 -3.13
C LEU B 36 34.87 7.93 -1.69
N ALA B 37 33.87 7.16 -1.24
CA ALA B 37 33.91 6.63 0.11
C ALA B 37 35.10 5.71 0.31
N GLY B 38 35.47 4.96 -0.72
CA GLY B 38 36.66 4.13 -0.62
C GLY B 38 37.92 4.97 -0.46
N ARG B 39 38.02 6.07 -1.20
CA ARG B 39 39.18 6.93 -1.07
C ARG B 39 39.24 7.56 0.33
N LEU B 40 38.10 8.04 0.83
CA LEU B 40 38.09 8.60 2.19
C LEU B 40 38.34 7.52 3.22
N SER B 41 37.83 6.31 2.98
CA SER B 41 38.12 5.19 3.87
C SER B 41 39.63 4.95 3.95
N GLY B 42 40.30 4.93 2.81
CA GLY B 42 41.74 4.76 2.81
C GLY B 42 42.44 5.85 3.58
N ARG B 43 41.94 7.08 3.48
CA ARG B 43 42.48 8.19 4.26
C ARG B 43 42.28 7.97 5.75
N LEU B 44 41.10 7.50 6.14
CA LEU B 44 40.83 7.25 7.56
C LEU B 44 41.73 6.15 8.09
N ILE B 45 41.85 5.05 7.35
CA ILE B 45 42.78 4.01 7.75
C ILE B 45 44.19 4.59 7.86
N GLY B 46 44.56 5.45 6.92
CA GLY B 46 45.88 6.06 7.00
C GLY B 46 46.06 6.87 8.26
N ARG B 47 44.98 7.51 8.73
CA ARG B 47 45.01 8.28 9.96
C ARG B 47 44.96 7.41 11.21
N GLY B 48 44.86 6.10 11.05
CA GLY B 48 44.86 5.18 12.17
C GLY B 48 43.51 4.62 12.56
N VAL B 49 42.45 4.90 11.80
CA VAL B 49 41.14 4.32 12.11
C VAL B 49 41.23 2.81 11.94
N ARG B 50 40.73 2.07 12.93
CA ARG B 50 40.74 0.62 12.92
C ARG B 50 39.35 0.10 13.28
N ARG B 51 39.15 -1.21 13.07
CA ARG B 51 37.85 -1.82 13.30
C ARG B 51 37.38 -1.59 14.74
N GLY B 52 36.11 -1.19 14.88
CA GLY B 52 35.52 -0.95 16.17
C GLY B 52 35.71 0.45 16.70
N ASP B 53 36.60 1.24 16.09
CA ASP B 53 36.76 2.62 16.49
C ASP B 53 35.46 3.39 16.28
N ARG B 54 35.27 4.43 17.09
CA ARG B 54 34.15 5.35 16.95
C ARG B 54 34.73 6.64 16.38
N VAL B 55 34.16 7.12 15.27
CA VAL B 55 34.60 8.34 14.61
C VAL B 55 33.47 9.35 14.71
N ALA B 56 33.72 10.46 15.37
CA ALA B 56 32.72 11.51 15.40
C ALA B 56 32.65 12.18 14.04
N VAL B 57 31.50 12.77 13.76
CA VAL B 57 31.23 13.45 12.49
C VAL B 57 30.56 14.77 12.82
N LEU B 58 31.10 15.86 12.30
CA LEU B 58 30.61 17.22 12.55
C LEU B 58 30.51 17.88 11.18
N LEU B 59 29.39 17.68 10.50
CA LEU B 59 29.26 18.20 9.14
C LEU B 59 27.85 18.73 8.93
N ASP B 60 27.74 19.70 8.02
CA ASP B 60 26.46 20.09 7.46
C ASP B 60 26.01 19.05 6.44
N ARG B 61 24.70 18.93 6.25
CA ARG B 61 24.21 17.95 5.30
C ARG B 61 24.67 18.32 3.89
N SER B 62 25.07 17.30 3.14
CA SER B 62 25.76 17.47 1.88
C SER B 62 26.07 16.07 1.38
N ALA B 63 26.46 15.98 0.10
CA ALA B 63 26.98 14.72 -0.42
C ALA B 63 28.20 14.27 0.37
N ASP B 64 29.02 15.21 0.83
CA ASP B 64 30.21 14.86 1.62
C ASP B 64 29.84 14.15 2.91
N LEU B 65 28.72 14.54 3.54
N LEU B 65 28.72 14.54 3.54
CA LEU B 65 28.26 13.83 4.74
CA LEU B 65 28.25 13.84 4.73
C LEU B 65 27.97 12.38 4.42
C LEU B 65 27.97 12.38 4.42
N VAL B 66 27.27 12.13 3.31
CA VAL B 66 26.94 10.75 2.95
C VAL B 66 28.22 9.96 2.67
N VAL B 67 29.16 10.55 1.92
CA VAL B 67 30.44 9.91 1.66
C VAL B 67 31.15 9.59 2.96
N THR B 68 31.11 10.53 3.91
CA THR B 68 31.83 10.34 5.17
C THR B 68 31.25 9.18 5.97
N LEU B 69 29.93 9.09 6.06
CA LEU B 69 29.33 8.01 6.83
C LEU B 69 29.70 6.65 6.23
N LEU B 70 29.60 6.52 4.91
CA LEU B 70 29.96 5.27 4.25
C LEU B 70 31.44 4.97 4.39
N ALA B 71 32.28 6.00 4.33
CA ALA B 71 33.72 5.80 4.46
C ALA B 71 34.08 5.26 5.85
N ILE B 72 33.47 5.81 6.90
CA ILE B 72 33.70 5.30 8.25
C ILE B 72 33.32 3.84 8.33
N TRP B 73 32.18 3.49 7.75
CA TRP B 73 31.75 2.10 7.72
C TRP B 73 32.73 1.23 6.94
N LYS B 74 33.20 1.72 5.79
CA LYS B 74 34.14 0.95 5.00
C LYS B 74 35.43 0.68 5.77
N ALA B 75 35.81 1.58 6.66
CA ALA B 75 37.00 1.39 7.47
C ALA B 75 36.77 0.47 8.66
N GLY B 76 35.57 -0.12 8.78
CA GLY B 76 35.28 -1.02 9.87
C GLY B 76 34.87 -0.34 11.15
N ALA B 77 34.62 0.96 11.11
CA ALA B 77 34.36 1.78 12.28
C ALA B 77 32.90 2.17 12.34
N ALA B 78 32.52 2.77 13.47
CA ALA B 78 31.17 3.23 13.73
C ALA B 78 31.19 4.75 13.76
N TYR B 79 30.13 5.38 13.25
CA TYR B 79 30.08 6.83 13.26
C TYR B 79 29.27 7.33 14.47
N VAL B 80 29.73 8.43 15.04
CA VAL B 80 29.08 9.12 16.14
C VAL B 80 28.61 10.46 15.60
N PRO B 81 27.35 10.58 15.18
CA PRO B 81 26.93 11.80 14.49
C PRO B 81 26.70 12.95 15.46
N VAL B 82 27.35 14.07 15.20
CA VAL B 82 27.25 15.27 16.01
C VAL B 82 26.68 16.37 15.13
N ASP B 83 25.54 16.92 15.54
CA ASP B 83 24.94 18.02 14.79
C ASP B 83 25.79 19.28 14.99
N ALA B 84 26.14 19.93 13.88
CA ALA B 84 27.01 21.10 13.92
C ALA B 84 26.41 22.25 14.70
N GLY B 85 25.11 22.19 15.01
CA GLY B 85 24.48 23.20 15.83
C GLY B 85 24.48 22.92 17.31
N TYR B 86 25.03 21.79 17.75
CA TYR B 86 25.04 21.48 19.17
C TYR B 86 25.96 22.45 19.92
N PRO B 87 25.61 22.79 21.17
CA PRO B 87 26.54 23.57 21.99
C PRO B 87 27.80 22.76 22.32
N ALA B 88 28.87 23.49 22.58
CA ALA B 88 30.17 22.83 22.79
C ALA B 88 30.16 21.80 23.90
N PRO B 89 29.49 22.01 25.04
CA PRO B 89 29.54 20.99 26.10
C PRO B 89 28.91 19.68 25.69
N ARG B 90 27.80 19.74 24.94
CA ARG B 90 27.17 18.52 24.47
C ARG B 90 28.07 17.78 23.49
N VAL B 91 28.74 18.52 22.60
CA VAL B 91 29.67 17.88 21.67
C VAL B 91 30.76 17.14 22.44
N ALA B 92 31.37 17.81 23.42
CA ALA B 92 32.45 17.19 24.18
C ALA B 92 31.96 15.96 24.94
N PHE B 93 30.77 16.03 25.52
CA PHE B 93 30.22 14.88 26.23
C PHE B 93 30.05 13.70 25.27
N MET B 94 29.45 13.96 24.11
CA MET B 94 29.24 12.90 23.13
C MET B 94 30.56 12.28 22.69
N VAL B 95 31.57 13.11 22.44
CA VAL B 95 32.86 12.61 21.99
C VAL B 95 33.53 11.79 23.08
N ALA B 96 33.55 12.32 24.31
CA ALA B 96 34.20 11.62 25.41
C ALA B 96 33.44 10.36 25.80
N ASP B 97 32.10 10.42 25.84
CA ASP B 97 31.35 9.24 26.25
C ASP B 97 31.48 8.11 25.24
N SER B 98 31.48 8.44 23.95
CA SER B 98 31.56 7.43 22.90
C SER B 98 32.97 6.87 22.74
N GLY B 99 33.97 7.51 23.32
CA GLY B 99 35.33 7.06 23.13
C GLY B 99 35.91 7.36 21.77
N ALA B 100 35.36 8.36 21.08
CA ALA B 100 35.90 8.78 19.79
C ALA B 100 37.17 9.60 20.00
N SER B 101 38.23 9.24 19.27
CA SER B 101 39.48 9.98 19.33
C SER B 101 39.69 10.83 18.08
N ARG B 102 38.83 10.69 17.07
CA ARG B 102 38.97 11.43 15.83
C ARG B 102 37.60 11.91 15.40
N MET B 103 37.58 13.01 14.65
CA MET B 103 36.33 13.63 14.22
C MET B 103 36.51 14.15 12.80
N VAL B 104 35.65 13.68 11.90
CA VAL B 104 35.61 14.23 10.54
C VAL B 104 34.83 15.53 10.59
N CYS B 105 35.38 16.57 9.97
CA CYS B 105 34.76 17.89 9.97
C CYS B 105 35.03 18.54 8.61
N SER B 106 34.55 19.76 8.47
CA SER B 106 34.81 20.60 7.30
C SER B 106 35.56 21.85 7.75
N ALA B 107 36.04 22.62 6.77
CA ALA B 107 36.64 23.90 7.09
C ALA B 107 35.69 24.75 7.92
N ALA B 108 34.38 24.70 7.60
CA ALA B 108 33.42 25.53 8.32
C ALA B 108 33.21 25.06 9.76
N THR B 109 33.31 23.76 10.01
CA THR B 109 33.04 23.20 11.33
C THR B 109 34.32 22.85 12.08
N ARG B 110 35.49 23.18 11.53
CA ARG B 110 36.75 22.78 12.14
C ARG B 110 36.85 23.24 13.60
N ASP B 111 36.40 24.45 13.89
CA ASP B 111 36.52 25.00 15.24
C ASP B 111 35.65 24.27 16.25
N GLY B 112 34.77 23.38 15.79
CA GLY B 112 33.92 22.62 16.70
C GLY B 112 34.52 21.34 17.20
N VAL B 113 35.68 20.95 16.69
CA VAL B 113 36.36 19.73 17.13
C VAL B 113 36.92 20.01 18.53
N PRO B 114 36.53 19.24 19.55
CA PRO B 114 37.07 19.48 20.90
C PRO B 114 38.58 19.31 20.97
N GLU B 115 39.19 20.01 21.93
CA GLU B 115 40.63 19.91 22.12
C GLU B 115 41.01 18.47 22.46
N GLY B 116 42.13 18.02 21.89
CA GLY B 116 42.60 16.68 22.11
C GLY B 116 42.09 15.66 21.10
N ILE B 117 41.17 16.04 20.23
CA ILE B 117 40.59 15.15 19.24
C ILE B 117 41.20 15.48 17.88
N GLU B 118 41.62 14.45 17.15
CA GLU B 118 42.20 14.66 15.84
C GLU B 118 41.11 15.09 14.86
N ALA B 119 41.33 16.21 14.19
CA ALA B 119 40.41 16.70 13.18
C ALA B 119 40.82 16.17 11.81
N ILE B 120 39.85 15.60 11.10
CA ILE B 120 40.04 15.14 9.72
C ILE B 120 39.13 15.98 8.85
N VAL B 121 39.71 16.91 8.09
CA VAL B 121 38.95 17.80 7.23
C VAL B 121 38.64 17.09 5.93
N VAL B 122 37.35 16.93 5.63
CA VAL B 122 36.92 16.00 4.60
C VAL B 122 37.31 16.47 3.20
N THR B 123 37.41 17.78 2.99
CA THR B 123 37.73 18.29 1.67
C THR B 123 39.22 18.23 1.33
N ASP B 124 40.06 17.82 2.27
CA ASP B 124 41.50 17.73 2.00
C ASP B 124 41.84 16.61 1.04
N PHE B 128 46.80 9.09 0.54
CA PHE B 128 46.65 7.66 0.82
C PHE B 128 45.71 7.01 -0.18
N GLU B 129 45.94 5.72 -0.46
CA GLU B 129 45.17 5.00 -1.45
C GLU B 129 43.88 4.46 -0.87
N ALA B 130 42.89 4.25 -1.74
CA ALA B 130 41.62 3.72 -1.32
C ALA B 130 41.80 2.32 -0.73
N SER B 131 41.16 2.08 0.41
CA SER B 131 41.26 0.82 1.11
C SER B 131 40.04 0.69 2.00
N ALA B 132 39.62 -0.55 2.24
CA ALA B 132 38.50 -0.82 3.13
C ALA B 132 38.80 -2.05 3.97
N ALA B 133 38.47 -1.95 5.26
CA ALA B 133 38.48 -3.13 6.12
C ALA B 133 37.17 -3.89 6.00
N GLY B 134 36.08 -3.21 5.68
CA GLY B 134 34.80 -3.87 5.50
C GLY B 134 33.92 -3.78 6.72
N ALA B 135 32.62 -3.62 6.53
CA ALA B 135 31.66 -3.63 7.62
C ALA B 135 31.22 -5.07 7.88
N ARG B 136 30.93 -5.37 9.15
CA ARG B 136 30.50 -6.68 9.57
C ARG B 136 29.25 -6.55 10.43
N PRO B 137 28.33 -7.52 10.33
CA PRO B 137 27.00 -7.32 10.94
C PRO B 137 27.02 -7.15 12.45
N GLY B 138 27.88 -7.88 13.15
CA GLY B 138 27.95 -7.76 14.59
C GLY B 138 28.71 -6.55 15.09
N ASP B 139 29.44 -5.87 14.20
CA ASP B 139 30.18 -4.69 14.60
C ASP B 139 29.25 -3.49 14.76
N LEU B 140 29.70 -2.53 15.56
CA LEU B 140 28.97 -1.29 15.75
C LEU B 140 28.93 -0.48 14.46
N ALA B 141 27.74 0.04 14.12
CA ALA B 141 27.56 0.92 12.98
C ALA B 141 27.52 2.39 13.37
N TYR B 142 26.84 2.73 14.46
CA TYR B 142 26.82 4.10 14.94
C TYR B 142 26.48 4.09 16.43
N VAL B 143 26.72 5.23 17.06
CA VAL B 143 26.26 5.51 18.41
C VAL B 143 25.47 6.81 18.30
N MET B 144 24.16 6.72 18.52
CA MET B 144 23.31 7.90 18.53
C MET B 144 22.84 8.17 19.95
N TYR B 145 22.84 9.44 20.33
CA TYR B 145 22.56 9.83 21.69
C TYR B 145 21.10 10.26 21.82
N THR B 146 20.49 9.82 22.92
CA THR B 146 19.15 10.22 23.28
C THR B 146 19.16 10.64 24.74
N SER B 147 18.33 11.63 25.07
CA SER B 147 18.04 11.97 26.45
C SER B 147 16.71 11.37 26.92
N GLY B 151 16.98 13.47 32.00
CA GLY B 151 17.49 14.39 31.00
C GLY B 151 18.95 14.20 30.65
N ILE B 152 19.53 13.09 31.09
CA ILE B 152 20.93 12.78 30.85
C ILE B 152 21.03 12.01 29.53
N PRO B 153 21.76 12.52 28.54
CA PRO B 153 21.83 11.81 27.25
C PRO B 153 22.54 10.47 27.38
N LYS B 154 21.99 9.47 26.69
CA LYS B 154 22.51 8.11 26.66
C LYS B 154 22.97 7.77 25.25
N GLY B 155 24.08 7.04 25.15
CA GLY B 155 24.59 6.61 23.85
C GLY B 155 24.05 5.26 23.46
N VAL B 156 23.23 5.21 22.41
CA VAL B 156 22.63 3.96 21.95
C VAL B 156 23.55 3.37 20.88
N ALA B 157 24.09 2.20 21.17
CA ALA B 157 25.06 1.52 20.32
C ALA B 157 24.32 0.54 19.42
N VAL B 158 24.33 0.80 18.12
CA VAL B 158 23.52 0.06 17.17
C VAL B 158 24.44 -0.71 16.22
N PRO B 159 24.30 -2.03 16.10
CA PRO B 159 25.17 -2.80 15.21
C PRO B 159 24.70 -2.75 13.77
N HIS B 160 25.62 -3.06 12.86
CA HIS B 160 25.31 -3.04 11.44
C HIS B 160 24.09 -3.91 11.13
N ARG B 161 24.00 -5.07 11.76
CA ARG B 161 22.88 -5.98 11.50
C ARG B 161 21.54 -5.28 11.65
N SER B 162 21.42 -4.43 12.68
CA SER B 162 20.14 -3.77 12.95
C SER B 162 19.86 -2.64 11.99
N VAL B 163 20.87 -1.87 11.61
CA VAL B 163 20.67 -0.82 10.61
C VAL B 163 20.22 -1.43 9.29
N ALA B 164 20.78 -2.59 8.95
CA ALA B 164 20.44 -3.22 7.67
C ALA B 164 19.03 -3.81 7.71
N GLU B 165 18.64 -4.40 8.84
CA GLU B 165 17.26 -4.88 8.98
C GLU B 165 16.26 -3.74 8.79
N LEU B 166 16.60 -2.55 9.28
CA LEU B 166 15.75 -1.39 9.08
C LEU B 166 15.81 -0.88 7.64
N ALA B 167 17.01 -0.55 7.17
CA ALA B 167 17.11 0.13 5.88
C ALA B 167 16.65 -0.78 4.74
N GLY B 168 16.97 -2.07 4.82
CA GLY B 168 16.64 -3.03 3.80
C GLY B 168 15.28 -3.67 3.94
N ASN B 169 14.44 -3.16 4.82
CA ASN B 169 13.14 -3.78 5.06
C ASN B 169 12.27 -3.67 3.81
N PRO B 170 11.71 -4.78 3.32
CA PRO B 170 10.87 -4.69 2.11
C PRO B 170 9.68 -3.78 2.29
N GLY B 171 9.23 -3.54 3.53
CA GLY B 171 8.05 -2.73 3.75
C GLY B 171 8.19 -1.28 3.35
N TRP B 172 9.42 -0.77 3.25
CA TRP B 172 9.61 0.61 2.82
C TRP B 172 9.06 0.83 1.42
N ALA B 173 9.15 -0.19 0.56
CA ALA B 173 8.61 -0.12 -0.80
C ALA B 173 9.25 1.01 -1.60
N VAL B 174 10.51 1.30 -1.35
CA VAL B 174 11.23 2.32 -2.10
C VAL B 174 11.89 1.67 -3.31
N GLU B 175 11.78 2.34 -4.45
CA GLU B 175 12.18 1.77 -5.73
C GLU B 175 13.29 2.59 -6.39
N PRO B 176 13.97 2.06 -7.41
CA PRO B 176 15.04 2.85 -8.05
C PRO B 176 14.57 4.20 -8.57
N GLY B 177 13.32 4.31 -8.98
CA GLY B 177 12.78 5.58 -9.43
C GLY B 177 12.48 6.58 -8.34
N ASP B 178 12.61 6.21 -7.07
CA ASP B 178 12.27 7.12 -5.99
C ASP B 178 13.41 8.11 -5.74
N ALA B 179 13.03 9.29 -5.26
CA ALA B 179 13.96 10.34 -4.83
C ALA B 179 13.50 10.81 -3.46
N VAL B 180 14.35 10.63 -2.46
CA VAL B 180 14.00 10.87 -1.06
C VAL B 180 14.67 12.16 -0.60
N LEU B 181 13.89 13.04 0.01
CA LEU B 181 14.42 14.31 0.51
C LEU B 181 15.18 14.07 1.81
N MET B 182 16.38 14.60 1.90
CA MET B 182 17.22 14.44 3.07
C MET B 182 17.31 15.80 3.77
N HIS B 183 16.76 15.88 4.99
CA HIS B 183 16.85 17.12 5.74
C HIS B 183 16.86 16.88 7.26
N ALA B 184 16.49 15.69 7.70
CA ALA B 184 16.56 15.40 9.13
C ALA B 184 18.01 15.40 9.59
N PRO B 185 18.27 15.78 10.85
CA PRO B 185 19.64 15.70 11.36
C PRO B 185 20.16 14.27 11.28
N TYR B 186 21.38 14.11 10.78
CA TYR B 186 21.97 12.78 10.75
C TYR B 186 22.29 12.29 12.15
N ALA B 187 22.14 13.14 13.17
CA ALA B 187 22.21 12.72 14.56
C ALA B 187 20.90 12.13 15.08
N PHE B 188 19.85 12.09 14.25
CA PHE B 188 18.57 11.48 14.58
C PHE B 188 18.37 10.28 13.66
N ASP B 189 17.78 9.21 14.18
CA ASP B 189 17.76 7.99 13.38
C ASP B 189 16.68 8.00 12.29
N ALA B 190 15.86 9.06 12.19
CA ALA B 190 15.05 9.21 10.99
C ALA B 190 15.92 9.35 9.75
N SER B 191 17.18 9.80 9.91
CA SER B 191 18.11 9.87 8.80
C SER B 191 18.38 8.50 8.21
N LEU B 192 18.14 7.43 8.95
CA LEU B 192 18.31 6.10 8.37
C LEU B 192 17.37 5.91 7.19
N PHE B 193 16.17 6.48 7.27
CA PHE B 193 15.26 6.42 6.12
C PHE B 193 15.71 7.38 5.02
N GLU B 194 16.13 8.59 5.39
CA GLU B 194 16.41 9.61 4.39
C GLU B 194 17.69 9.30 3.61
N ILE B 195 18.63 8.59 4.23
CA ILE B 195 19.90 8.31 3.58
C ILE B 195 19.96 6.87 3.11
N TRP B 196 19.81 5.92 4.03
CA TRP B 196 20.20 4.54 3.73
C TRP B 196 19.11 3.75 3.01
N VAL B 197 17.83 3.99 3.31
CA VAL B 197 16.77 3.26 2.60
C VAL B 197 16.85 3.48 1.10
N PRO B 198 16.90 4.71 0.58
CA PRO B 198 17.00 4.87 -0.88
C PRO B 198 18.25 4.23 -1.47
N LEU B 199 19.38 4.32 -0.76
CA LEU B 199 20.63 3.79 -1.30
C LEU B 199 20.63 2.26 -1.35
N VAL B 200 19.99 1.59 -0.39
CA VAL B 200 19.90 0.14 -0.48
C VAL B 200 18.84 -0.29 -1.48
N SER B 201 18.03 0.66 -1.97
CA SER B 201 16.93 0.38 -2.88
C SER B 201 17.22 0.79 -4.32
N GLY B 202 18.32 1.48 -4.60
CA GLY B 202 18.62 1.94 -5.93
C GLY B 202 18.08 3.32 -6.26
N GLY B 203 17.40 3.98 -5.33
CA GLY B 203 16.90 5.32 -5.54
C GLY B 203 17.97 6.35 -5.24
N ARG B 204 17.52 7.60 -5.12
CA ARG B 204 18.45 8.70 -4.91
C ARG B 204 18.08 9.51 -3.67
N VAL B 205 19.13 10.01 -3.02
CA VAL B 205 19.02 10.91 -1.86
C VAL B 205 19.16 12.33 -2.38
N VAL B 206 18.18 13.17 -2.09
CA VAL B 206 18.20 14.57 -2.53
C VAL B 206 18.47 15.43 -1.31
N ILE B 207 19.69 15.97 -1.22
CA ILE B 207 20.07 16.80 -0.08
C ILE B 207 19.33 18.12 -0.16
N ALA B 208 18.50 18.41 0.84
CA ALA B 208 17.76 19.66 0.86
C ALA B 208 18.71 20.85 0.96
N GLU B 209 18.32 21.96 0.35
CA GLU B 209 19.09 23.19 0.46
C GLU B 209 19.14 23.64 1.92
N PRO B 210 20.16 24.41 2.29
CA PRO B 210 20.33 24.79 3.70
C PRO B 210 19.09 25.46 4.27
N GLY B 211 18.83 25.19 5.54
CA GLY B 211 17.71 25.77 6.23
C GLY B 211 16.58 24.78 6.39
N PRO B 212 15.56 25.16 7.16
CA PRO B 212 14.43 24.24 7.39
C PRO B 212 13.62 24.05 6.12
N VAL B 213 13.08 22.85 5.97
CA VAL B 213 12.18 22.54 4.85
C VAL B 213 10.76 22.93 5.25
N ASP B 214 10.22 23.95 4.59
CA ASP B 214 8.86 24.40 4.82
C ASP B 214 7.97 23.92 3.68
N ALA B 215 6.69 24.34 3.73
CA ALA B 215 5.75 23.88 2.71
C ALA B 215 6.20 24.31 1.31
N ARG B 216 6.67 25.54 1.17
CA ARG B 216 7.09 26.02 -0.14
C ARG B 216 8.26 25.21 -0.69
N ARG B 217 9.27 24.96 0.15
CA ARG B 217 10.41 24.18 -0.30
C ARG B 217 10.02 22.73 -0.59
N LEU B 218 9.07 22.19 0.15
CA LEU B 218 8.59 20.84 -0.13
C LEU B 218 7.96 20.78 -1.51
N ARG B 219 7.12 21.77 -1.84
CA ARG B 219 6.50 21.80 -3.16
C ARG B 219 7.55 21.91 -4.25
N GLU B 220 8.56 22.74 -4.05
CA GLU B 220 9.63 22.86 -5.05
C GLU B 220 10.41 21.56 -5.17
N ALA B 221 10.66 20.89 -4.05
CA ALA B 221 11.36 19.61 -4.12
C ALA B 221 10.52 18.58 -4.87
N ILE B 222 9.22 18.54 -4.59
CA ILE B 222 8.34 17.64 -5.31
C ILE B 222 8.32 17.98 -6.80
N SER B 223 8.30 19.28 -7.12
CA SER B 223 8.32 19.69 -8.52
C SER B 223 9.60 19.24 -9.22
N SER B 224 10.70 19.15 -8.49
CA SER B 224 11.97 18.74 -9.06
C SER B 224 12.13 17.23 -9.11
N GLY B 225 11.17 16.47 -8.59
CA GLY B 225 11.20 15.03 -8.71
C GLY B 225 11.23 14.26 -7.41
N VAL B 226 11.19 14.91 -6.25
CA VAL B 226 11.17 14.17 -4.98
C VAL B 226 9.86 13.40 -4.88
N THR B 227 9.96 12.13 -4.52
CA THR B 227 8.79 11.25 -4.44
C THR B 227 8.42 10.86 -3.02
N ARG B 228 9.34 10.98 -2.06
CA ARG B 228 9.07 10.59 -0.68
C ARG B 228 9.75 11.58 0.27
N ALA B 229 9.05 11.91 1.35
CA ALA B 229 9.59 12.82 2.34
C ALA B 229 9.08 12.47 3.73
N TYR B 230 9.98 12.54 4.70
CA TYR B 230 9.64 12.42 6.11
C TYR B 230 9.59 13.80 6.74
N LEU B 231 8.59 14.02 7.58
CA LEU B 231 8.53 15.22 8.41
C LEU B 231 8.37 14.80 9.87
N THR B 232 9.02 15.52 10.77
CA THR B 232 8.76 15.30 12.18
C THR B 232 7.28 15.50 12.46
N ALA B 233 6.81 14.95 13.58
CA ALA B 233 5.40 15.11 13.95
C ALA B 233 5.01 16.58 14.00
N GLY B 234 5.88 17.42 14.59
CA GLY B 234 5.56 18.83 14.69
C GLY B 234 5.41 19.50 13.33
N SER B 235 6.33 19.21 12.41
CA SER B 235 6.25 19.83 11.09
C SER B 235 5.09 19.27 10.29
N PHE B 236 4.85 17.96 10.38
CA PHE B 236 3.75 17.36 9.64
C PHE B 236 2.42 17.98 10.06
N ARG B 237 2.20 18.10 11.36
CA ARG B 237 0.95 18.70 11.85
C ARG B 237 0.79 20.12 11.33
N ALA B 238 1.87 20.89 11.35
CA ALA B 238 1.81 22.29 10.93
C ALA B 238 1.46 22.40 9.46
N VAL B 239 2.13 21.62 8.60
CA VAL B 239 1.81 21.68 7.18
C VAL B 239 0.42 21.12 6.92
N ALA B 240 0.05 20.08 7.66
CA ALA B 240 -1.29 19.49 7.51
C ALA B 240 -2.38 20.49 7.87
N GLU B 241 -2.13 21.36 8.84
CA GLU B 241 -3.14 22.35 9.20
C GLU B 241 -3.05 23.57 8.29
N GLU B 242 -1.84 23.96 7.87
CA GLU B 242 -1.67 25.22 7.15
C GLU B 242 -1.74 25.05 5.63
N SER B 243 -1.20 23.96 5.10
CA SER B 243 -1.08 23.81 3.65
C SER B 243 -1.03 22.33 3.30
N PRO B 244 -2.07 21.56 3.63
CA PRO B 244 -2.03 20.11 3.38
C PRO B 244 -1.87 19.77 1.91
N GLU B 245 -2.27 20.67 1.01
CA GLU B 245 -2.10 20.43 -0.42
C GLU B 245 -0.64 20.39 -0.85
N SER B 246 0.28 20.84 0.02
CA SER B 246 1.69 20.86 -0.34
C SER B 246 2.28 19.47 -0.50
N PHE B 247 1.63 18.45 0.06
CA PHE B 247 2.09 17.08 -0.13
C PHE B 247 1.68 16.51 -1.48
N ALA B 248 0.88 17.22 -2.25
CA ALA B 248 0.38 16.69 -3.51
C ALA B 248 1.54 16.36 -4.44
N GLY B 249 1.51 15.17 -5.03
CA GLY B 249 2.55 14.71 -5.91
C GLY B 249 3.52 13.75 -5.28
N LEU B 250 3.60 13.73 -3.96
CA LEU B 250 4.42 12.73 -3.30
C LEU B 250 3.78 11.35 -3.50
N ARG B 251 4.63 10.34 -3.68
CA ARG B 251 4.17 8.96 -3.58
C ARG B 251 3.84 8.61 -2.14
N GLU B 252 4.63 9.12 -1.18
CA GLU B 252 4.44 8.82 0.22
C GLU B 252 5.01 9.95 1.07
N VAL B 253 4.25 10.34 2.08
CA VAL B 253 4.73 11.20 3.16
C VAL B 253 4.78 10.35 4.43
N LEU B 254 5.84 10.53 5.20
CA LEU B 254 6.08 9.76 6.41
C LEU B 254 6.21 10.70 7.60
N THR B 255 5.76 10.25 8.76
CA THR B 255 5.89 11.04 9.97
C THR B 255 5.91 10.11 11.18
N GLY B 256 6.28 10.68 12.32
CA GLY B 256 6.31 9.95 13.56
C GLY B 256 7.27 10.62 14.53
N GLY B 257 7.35 10.01 15.72
CA GLY B 257 8.20 10.53 16.77
C GLY B 257 7.40 11.05 17.95
N ASP B 258 6.74 12.18 17.76
CA ASP B 258 5.86 12.76 18.76
C ASP B 258 4.42 12.49 18.35
N VAL B 259 3.48 13.03 19.12
CA VAL B 259 2.07 12.75 18.87
C VAL B 259 1.67 13.33 17.52
N VAL B 260 1.00 12.52 16.70
CA VAL B 260 0.36 12.98 15.47
C VAL B 260 -1.14 12.75 15.61
N PRO B 261 -1.97 13.79 15.67
CA PRO B 261 -3.42 13.56 15.79
C PRO B 261 -4.00 13.03 14.50
N ALA B 262 -5.02 12.18 14.64
CA ALA B 262 -5.71 11.65 13.47
C ALA B 262 -6.18 12.79 12.56
N HIS B 263 -6.61 13.90 13.15
CA HIS B 263 -7.11 15.03 12.36
C HIS B 263 -6.06 15.52 11.36
N ALA B 264 -4.79 15.51 11.74
CA ALA B 264 -3.75 15.96 10.80
C ALA B 264 -3.68 15.03 9.59
N VAL B 265 -3.73 13.72 9.82
CA VAL B 265 -3.72 12.78 8.71
C VAL B 265 -4.95 12.97 7.84
N ALA B 266 -6.10 13.20 8.47
CA ALA B 266 -7.34 13.38 7.71
C ALA B 266 -7.26 14.60 6.80
N ARG B 267 -6.65 15.69 7.29
CA ARG B 267 -6.51 16.88 6.45
C ARG B 267 -5.66 16.59 5.22
N VAL B 268 -4.56 15.84 5.40
CA VAL B 268 -3.69 15.53 4.27
C VAL B 268 -4.43 14.65 3.26
N ARG B 269 -5.16 13.64 3.74
CA ARG B 269 -5.91 12.76 2.84
C ARG B 269 -6.96 13.54 2.06
N SER B 270 -7.66 14.47 2.72
CA SER B 270 -8.67 15.25 2.02
C SER B 270 -8.04 16.06 0.89
N ALA B 271 -6.91 16.71 1.16
CA ALA B 271 -6.26 17.52 0.14
C ALA B 271 -5.48 16.68 -0.87
N CYS B 272 -5.01 15.50 -0.46
CA CYS B 272 -4.12 14.68 -1.29
C CYS B 272 -4.64 13.25 -1.32
N PRO B 273 -5.66 12.98 -2.11
CA PRO B 273 -6.24 11.62 -2.12
C PRO B 273 -5.26 10.52 -2.48
N ARG B 274 -4.23 10.80 -3.28
CA ARG B 274 -3.40 9.75 -3.83
C ARG B 274 -2.11 9.52 -3.04
N VAL B 275 -1.82 10.35 -2.05
CA VAL B 275 -0.56 10.24 -1.32
C VAL B 275 -0.70 9.18 -0.23
N ARG B 276 0.23 8.23 -0.23
CA ARG B 276 0.36 7.30 0.89
C ARG B 276 0.85 8.04 2.12
N ILE B 277 0.26 7.74 3.28
CA ILE B 277 0.64 8.38 4.53
C ILE B 277 1.09 7.30 5.50
N ARG B 278 2.35 7.35 5.92
CA ARG B 278 2.91 6.36 6.82
C ARG B 278 3.21 7.00 8.16
N HIS B 279 2.52 6.54 9.20
CA HIS B 279 2.77 6.92 10.58
C HIS B 279 3.67 5.88 11.22
N MET B 280 4.76 6.33 11.83
CA MET B 280 5.79 5.43 12.35
C MET B 280 5.99 5.66 13.83
N TYR B 281 6.33 4.58 14.54
CA TYR B 281 6.57 4.61 15.97
C TYR B 281 7.81 3.79 16.28
N GLY B 282 8.65 4.30 17.19
CA GLY B 282 9.72 3.49 17.69
C GLY B 282 10.82 4.30 18.34
N PRO B 283 11.46 3.73 19.36
CA PRO B 283 12.56 4.43 20.02
C PRO B 283 13.89 4.20 19.31
N THR B 284 14.83 5.09 19.63
CA THR B 284 16.18 4.95 19.09
C THR B 284 16.76 3.59 19.42
N GLU B 285 16.35 3.01 20.55
CA GLU B 285 16.86 1.73 21.01
C GLU B 285 16.45 0.57 20.10
N THR B 286 15.48 0.75 19.20
CA THR B 286 15.11 -0.30 18.26
C THR B 286 15.22 0.19 16.81
N THR B 287 16.14 1.11 16.56
CA THR B 287 16.57 1.52 15.22
C THR B 287 15.44 2.13 14.39
N MET B 288 15.17 3.40 14.69
CA MET B 288 14.26 4.29 13.99
C MET B 288 12.79 4.00 14.24
N CYS B 289 12.25 2.91 13.70
N CYS B 289 12.30 2.84 13.78
CA CYS B 289 10.85 2.61 13.95
CA CYS B 289 10.87 2.54 13.74
C CYS B 289 10.62 1.11 13.99
C CYS B 289 10.65 1.05 13.98
N ALA B 290 9.71 0.71 14.87
CA ALA B 290 9.39 -0.68 15.15
C ALA B 290 7.99 -1.09 14.71
N THR B 291 7.06 -0.15 14.68
CA THR B 291 5.72 -0.38 14.15
C THR B 291 5.35 0.79 13.25
N TRP B 292 4.42 0.55 12.32
CA TRP B 292 3.98 1.62 11.46
C TRP B 292 2.55 1.36 10.99
N HIS B 293 1.88 2.44 10.60
CA HIS B 293 0.52 2.40 10.08
C HIS B 293 0.50 3.13 8.76
N LEU B 294 0.08 2.45 7.70
CA LEU B 294 0.08 2.99 6.35
C LEU B 294 -1.36 3.28 5.93
N LEU B 295 -1.66 4.54 5.63
CA LEU B 295 -2.95 4.92 5.08
C LEU B 295 -2.85 4.92 3.56
N GLU B 296 -3.48 3.93 2.93
CA GLU B 296 -3.38 3.78 1.49
C GLU B 296 -4.07 4.93 0.77
N PRO B 297 -3.70 5.18 -0.48
CA PRO B 297 -4.38 6.23 -1.25
C PRO B 297 -5.89 6.01 -1.26
N GLY B 298 -6.63 7.11 -1.06
CA GLY B 298 -8.08 7.08 -1.07
C GLY B 298 -8.74 6.69 0.24
N ASP B 299 -8.03 6.00 1.12
CA ASP B 299 -8.62 5.54 2.37
C ASP B 299 -8.68 6.67 3.40
N GLU B 300 -9.69 6.63 4.24
CA GLU B 300 -9.86 7.62 5.28
C GLU B 300 -9.38 7.07 6.62
N ILE B 301 -8.79 7.93 7.42
CA ILE B 301 -8.35 7.53 8.75
C ILE B 301 -9.56 7.58 9.66
N GLY B 302 -9.62 6.68 10.62
CA GLY B 302 -10.72 6.66 11.55
C GLY B 302 -10.49 7.71 12.62
N PRO B 303 -11.20 7.60 13.73
CA PRO B 303 -11.06 8.62 14.79
C PRO B 303 -9.76 8.50 15.56
N VAL B 304 -9.07 7.36 15.45
CA VAL B 304 -7.82 7.10 16.17
C VAL B 304 -6.75 6.70 15.16
N LEU B 305 -5.58 7.32 15.27
CA LEU B 305 -4.45 6.98 14.42
C LEU B 305 -3.61 5.91 15.12
N PRO B 306 -3.61 4.67 14.66
CA PRO B 306 -2.80 3.64 15.30
C PRO B 306 -1.32 3.95 15.15
N ILE B 307 -0.52 3.43 16.08
CA ILE B 307 0.91 3.30 15.79
C ILE B 307 1.15 2.09 14.89
N GLY B 308 0.18 1.19 14.79
CA GLY B 308 0.14 0.23 13.71
C GLY B 308 0.58 -1.17 14.08
N ARG B 309 1.26 -1.82 13.14
CA ARG B 309 1.70 -3.19 13.31
C ARG B 309 3.21 -3.27 13.19
N PRO B 310 3.83 -4.28 13.82
CA PRO B 310 5.29 -4.39 13.74
C PRO B 310 5.76 -4.42 12.30
N LEU B 311 6.92 -3.81 12.06
CA LEU B 311 7.55 -3.95 10.75
C LEU B 311 7.84 -5.42 10.48
N PRO B 312 7.89 -5.82 9.20
CA PRO B 312 8.34 -7.18 8.87
C PRO B 312 9.63 -7.50 9.61
N GLY B 313 9.67 -8.69 10.23
CA GLY B 313 10.80 -9.12 11.01
C GLY B 313 10.75 -8.74 12.47
N ARG B 314 9.79 -7.93 12.88
CA ARG B 314 9.69 -7.46 14.25
C ARG B 314 8.46 -8.02 14.94
N ARG B 315 8.50 -8.02 16.26
CA ARG B 315 7.42 -8.48 17.11
C ARG B 315 7.10 -7.41 18.13
N ALA B 316 5.84 -7.32 18.52
CA ALA B 316 5.42 -6.47 19.63
C ALA B 316 4.64 -7.30 20.63
N GLN B 317 4.77 -6.92 21.90
CA GLN B 317 4.04 -7.57 22.98
C GLN B 317 3.47 -6.51 23.91
N VAL B 318 2.24 -6.74 24.36
CA VAL B 318 1.57 -5.91 25.36
C VAL B 318 1.35 -6.80 26.57
N LEU B 319 2.12 -6.55 27.63
CA LEU B 319 2.12 -7.41 28.80
C LEU B 319 1.66 -6.64 30.03
N ASP B 320 1.04 -7.35 30.96
CA ASP B 320 0.63 -6.77 32.22
C ASP B 320 1.80 -6.83 33.20
N ALA B 321 1.56 -6.47 34.46
CA ALA B 321 2.63 -6.39 35.43
C ALA B 321 3.19 -7.76 35.79
N SER B 322 2.54 -8.84 35.39
CA SER B 322 3.04 -10.18 35.59
C SER B 322 3.73 -10.75 34.36
N LEU B 323 3.91 -9.92 33.33
CA LEU B 323 4.57 -10.31 32.08
C LEU B 323 3.74 -11.32 31.30
N ARG B 324 2.42 -11.31 31.51
CA ARG B 324 1.48 -12.10 30.73
C ARG B 324 0.87 -11.23 29.64
N ALA B 325 0.63 -11.84 28.47
CA ALA B 325 0.00 -11.12 27.37
C ALA B 325 -1.47 -10.85 27.68
N VAL B 326 -1.89 -9.61 27.44
CA VAL B 326 -3.26 -9.22 27.71
C VAL B 326 -4.08 -9.40 26.43
N ALA B 327 -5.41 -9.44 26.59
CA ALA B 327 -6.30 -9.60 25.45
C ALA B 327 -6.46 -8.27 24.72
N PRO B 328 -7.05 -8.29 23.51
CA PRO B 328 -7.30 -7.03 22.81
C PRO B 328 -8.18 -6.10 23.64
N GLY B 329 -7.94 -4.80 23.48
CA GLY B 329 -8.67 -3.80 24.23
C GLY B 329 -8.20 -3.59 25.65
N VAL B 330 -7.13 -4.25 26.07
CA VAL B 330 -6.58 -4.11 27.41
C VAL B 330 -5.25 -3.37 27.32
N ILE B 331 -5.12 -2.29 28.09
CA ILE B 331 -3.90 -1.49 28.08
C ILE B 331 -2.83 -2.19 28.90
N GLY B 332 -1.63 -2.32 28.33
CA GLY B 332 -0.51 -2.88 29.04
C GLY B 332 0.82 -2.26 28.65
N ASP B 333 1.92 -2.83 29.14
CA ASP B 333 3.25 -2.33 28.81
C ASP B 333 3.68 -2.85 27.45
N LEU B 334 4.26 -1.98 26.64
CA LEU B 334 4.68 -2.33 25.28
C LEU B 334 6.16 -2.71 25.25
N TYR B 335 6.44 -3.89 24.70
CA TYR B 335 7.79 -4.40 24.49
C TYR B 335 8.01 -4.66 23.01
N LEU B 336 9.21 -4.36 22.52
CA LEU B 336 9.54 -4.48 21.10
C LEU B 336 10.65 -5.50 20.92
N SER B 337 10.46 -6.44 20.00
CA SER B 337 11.45 -7.49 19.81
C SER B 337 11.55 -7.85 18.33
N GLY B 338 12.31 -8.91 18.06
CA GLY B 338 12.67 -9.28 16.71
C GLY B 338 13.81 -8.41 16.24
N ALA B 339 13.81 -8.06 14.96
CA ALA B 339 14.93 -7.33 14.38
C ALA B 339 15.03 -5.92 14.95
N GLY B 340 16.21 -5.34 14.81
CA GLY B 340 16.39 -3.92 15.00
C GLY B 340 16.85 -3.46 16.38
N LEU B 341 17.07 -4.36 17.33
CA LEU B 341 17.45 -3.91 18.66
C LEU B 341 18.89 -3.42 18.67
N ALA B 342 19.14 -2.37 19.45
CA ALA B 342 20.49 -1.93 19.72
C ALA B 342 21.21 -2.96 20.57
N ASP B 343 22.55 -2.89 20.57
CA ASP B 343 23.31 -3.70 21.52
C ASP B 343 23.03 -3.26 22.94
N GLY B 344 22.86 -1.96 23.15
CA GLY B 344 22.57 -1.43 24.47
C GLY B 344 23.04 0.01 24.55
N TYR B 345 23.23 0.46 25.80
CA TYR B 345 23.72 1.80 26.07
C TYR B 345 25.22 1.72 26.31
N LEU B 346 25.98 2.53 25.57
CA LEU B 346 27.42 2.51 25.73
C LEU B 346 27.80 2.80 27.18
N ARG B 347 28.68 1.96 27.71
CA ARG B 347 29.26 2.08 29.05
C ARG B 347 28.25 1.91 30.18
N ARG B 348 27.06 1.41 29.90
CA ARG B 348 25.99 1.37 30.90
C ARG B 348 25.31 0.00 30.85
N ALA B 349 26.05 -1.02 31.30
CA ALA B 349 25.55 -2.39 31.18
C ALA B 349 24.34 -2.61 32.08
N GLY B 350 24.37 -2.05 33.30
CA GLY B 350 23.24 -2.22 34.19
C GLY B 350 21.95 -1.65 33.61
N LEU B 351 22.03 -0.43 33.08
CA LEU B 351 20.87 0.18 32.43
C LEU B 351 20.41 -0.62 31.23
N THR B 352 21.36 -1.16 30.46
CA THR B 352 21.03 -2.00 29.33
C THR B 352 20.26 -3.24 29.79
N ALA B 353 20.73 -3.88 30.86
CA ALA B 353 20.10 -5.11 31.33
C ALA B 353 18.71 -4.91 31.90
N GLU B 354 18.38 -3.70 32.37
CA GLU B 354 17.04 -3.47 32.89
C GLU B 354 16.04 -3.03 31.82
N ARG B 355 16.50 -2.67 30.61
CA ARG B 355 15.61 -2.24 29.55
C ARG B 355 15.62 -3.15 28.33
N PHE B 356 16.74 -3.83 28.05
CA PHE B 356 16.82 -4.83 26.99
C PHE B 356 16.76 -6.18 27.71
N VAL B 357 15.55 -6.70 27.91
CA VAL B 357 15.34 -7.83 28.81
C VAL B 357 15.01 -9.09 28.01
N ALA B 358 15.04 -10.22 28.70
CA ALA B 358 14.76 -11.50 28.05
C ALA B 358 13.34 -11.54 27.51
N ASP B 359 13.22 -12.11 26.31
CA ASP B 359 11.95 -12.14 25.58
C ASP B 359 11.30 -13.49 25.74
N PRO B 360 10.14 -13.60 26.41
CA PRO B 360 9.51 -14.91 26.59
C PRO B 360 9.06 -15.55 25.29
N SER B 361 8.93 -14.77 24.21
CA SER B 361 8.35 -15.28 22.97
C SER B 361 9.36 -15.92 22.04
N ALA B 362 10.65 -15.69 22.24
CA ALA B 362 11.67 -16.24 21.35
C ALA B 362 12.91 -16.67 22.14
N PRO B 363 13.32 -17.93 22.05
CA PRO B 363 14.42 -18.41 22.90
C PRO B 363 15.70 -17.61 22.68
N GLY B 364 16.33 -17.24 23.80
CA GLY B 364 17.58 -16.52 23.78
C GLY B 364 17.50 -15.08 23.36
N ALA B 365 16.32 -14.59 22.99
CA ALA B 365 16.21 -13.25 22.45
C ALA B 365 15.92 -12.23 23.54
N ARG B 366 16.11 -10.97 23.19
CA ARG B 366 15.82 -9.85 24.07
C ARG B 366 14.65 -9.06 23.51
N MET B 367 13.97 -8.34 24.39
CA MET B 367 12.95 -7.39 23.99
C MET B 367 13.26 -6.07 24.68
N TYR B 368 12.94 -4.97 24.01
CA TYR B 368 13.18 -3.64 24.55
C TYR B 368 11.93 -3.16 25.28
N ARG B 369 12.11 -2.71 26.52
CA ARG B 369 11.04 -2.17 27.36
C ARG B 369 10.83 -0.69 27.03
N THR B 370 9.73 -0.37 26.34
CA THR B 370 9.58 0.98 25.82
C THR B 370 9.27 2.02 26.91
N GLY B 371 8.67 1.61 28.02
CA GLY B 371 8.09 2.56 28.93
C GLY B 371 6.81 3.19 28.45
N ASP B 372 6.28 2.76 27.30
CA ASP B 372 5.01 3.23 26.76
C ASP B 372 3.92 2.22 27.03
N LEU B 373 2.67 2.70 27.03
CA LEU B 373 1.50 1.85 27.14
C LEU B 373 0.82 1.71 25.78
N ALA B 374 0.21 0.56 25.56
CA ALA B 374 -0.50 0.32 24.31
C ALA B 374 -1.57 -0.74 24.52
N GLN B 375 -2.44 -0.87 23.53
CA GLN B 375 -3.44 -1.93 23.51
C GLN B 375 -3.56 -2.45 22.08
N TRP B 376 -3.84 -3.75 21.99
CA TRP B 376 -4.11 -4.35 20.70
C TRP B 376 -5.56 -4.07 20.27
N THR B 377 -5.76 -3.93 18.97
CA THR B 377 -7.09 -4.13 18.42
C THR B 377 -7.30 -5.63 18.17
N ALA B 378 -8.55 -5.98 17.89
CA ALA B 378 -8.87 -7.38 17.63
C ALA B 378 -8.13 -7.91 16.40
N ASP B 379 -7.76 -7.03 15.47
CA ASP B 379 -7.11 -7.45 14.24
C ASP B 379 -5.59 -7.33 14.29
N GLY B 380 -5.02 -7.04 15.45
CA GLY B 380 -3.58 -7.07 15.60
C GLY B 380 -2.85 -5.77 15.36
N ALA B 381 -3.56 -4.64 15.34
CA ALA B 381 -2.91 -3.35 15.30
C ALA B 381 -2.76 -2.80 16.72
N LEU B 382 -1.85 -1.85 16.88
CA LEU B 382 -1.53 -1.26 18.17
C LEU B 382 -1.98 0.19 18.25
N LEU B 383 -2.62 0.54 19.35
CA LEU B 383 -3.00 1.91 19.66
C LEU B 383 -2.13 2.40 20.82
N PHE B 384 -1.53 3.58 20.64
CA PHE B 384 -0.75 4.20 21.70
C PHE B 384 -1.66 4.61 22.85
N ALA B 385 -1.21 4.34 24.08
CA ALA B 385 -2.01 4.63 25.26
C ALA B 385 -1.26 5.48 26.28
N GLY B 386 -0.19 6.16 25.88
CA GLY B 386 0.51 7.07 26.75
C GLY B 386 1.80 6.50 27.30
N ARG B 387 2.53 7.34 28.01
CA ARG B 387 3.72 6.90 28.72
C ARG B 387 3.33 6.30 30.06
N ALA B 388 3.94 5.18 30.41
CA ALA B 388 3.61 4.53 31.67
C ALA B 388 3.82 5.45 32.86
N ASP B 389 4.68 6.47 32.74
CA ASP B 389 4.86 7.45 33.79
C ASP B 389 3.66 8.39 33.92
N THR C 2 3.08 -0.61 39.20
CA THR C 2 4.47 -0.41 38.85
C THR C 2 5.02 -1.54 37.98
N ASN C 3 5.76 -1.15 36.94
CA ASN C 3 6.38 -2.11 36.05
C ASN C 3 7.28 -3.06 36.85
N PRO C 4 7.25 -4.36 36.58
CA PRO C 4 8.02 -5.29 37.42
C PRO C 4 9.52 -5.10 37.35
N PHE C 5 10.05 -4.60 36.23
CA PHE C 5 11.48 -4.35 36.11
C PHE C 5 11.92 -3.12 36.90
N ASP C 6 10.99 -2.28 37.34
CA ASP C 6 11.31 -1.09 38.12
C ASP C 6 10.93 -1.22 39.59
N ASN C 7 10.38 -2.36 40.01
CA ASN C 7 9.87 -2.51 41.37
C ASN C 7 11.02 -2.73 42.35
N GLU C 8 11.34 -1.70 43.11
CA GLU C 8 12.44 -1.77 44.07
C GLU C 8 12.17 -2.75 45.21
N ASP C 9 10.93 -3.16 45.42
CA ASP C 9 10.60 -4.13 46.45
C ASP C 9 10.50 -5.54 45.88
N GLY C 10 10.85 -5.72 44.61
CA GLY C 10 10.80 -7.03 44.01
C GLY C 10 12.04 -7.85 44.32
N SER C 11 11.93 -9.14 43.98
CA SER C 11 13.05 -10.06 44.01
C SER C 11 13.46 -10.37 42.58
N PHE C 12 14.76 -10.36 42.30
CA PHE C 12 15.23 -10.38 40.93
C PHE C 12 16.35 -11.37 40.72
N LEU C 13 16.44 -11.85 39.48
CA LEU C 13 17.56 -12.64 38.99
C LEU C 13 18.32 -11.83 37.94
N VAL C 14 19.53 -12.28 37.66
CA VAL C 14 20.26 -11.90 36.46
C VAL C 14 20.33 -13.13 35.57
N LEU C 15 19.92 -12.98 34.32
CA LEU C 15 19.99 -14.04 33.33
C LEU C 15 21.02 -13.67 32.28
N VAL C 16 21.65 -14.70 31.70
CA VAL C 16 22.56 -14.54 30.58
C VAL C 16 22.14 -15.50 29.48
N ASN C 17 22.34 -15.09 28.23
CA ASN C 17 22.05 -15.92 27.07
C ASN C 17 23.35 -16.40 26.44
N GLY C 18 23.21 -17.12 25.32
CA GLY C 18 24.39 -17.66 24.66
C GLY C 18 25.34 -16.61 24.13
N GLU C 19 24.85 -15.38 23.93
CA GLU C 19 25.69 -14.28 23.47
C GLU C 19 26.32 -13.51 24.62
N GLY C 20 26.17 -13.99 25.85
CA GLY C 20 26.70 -13.28 27.00
C GLY C 20 25.94 -12.04 27.40
N GLN C 21 24.83 -11.73 26.73
CA GLN C 21 24.03 -10.58 27.10
C GLN C 21 23.32 -10.86 28.42
N HIS C 22 23.27 -9.85 29.29
CA HIS C 22 22.68 -9.98 30.62
C HIS C 22 21.32 -9.30 30.66
N SER C 23 20.42 -9.85 31.47
CA SER C 23 19.09 -9.29 31.66
C SER C 23 18.71 -9.35 33.13
N LEU C 24 18.17 -8.25 33.65
CA LEU C 24 17.44 -8.29 34.90
C LEU C 24 16.17 -9.11 34.68
N TRP C 25 15.72 -9.79 35.73
CA TRP C 25 14.51 -10.59 35.60
C TRP C 25 13.74 -10.73 36.90
N PRO C 26 12.42 -10.50 36.90
CA PRO C 26 11.64 -10.73 38.12
C PRO C 26 11.65 -12.20 38.47
N ALA C 27 11.96 -12.50 39.74
CA ALA C 27 12.08 -13.89 40.15
C ALA C 27 10.76 -14.65 40.04
N PHE C 28 9.62 -13.95 40.07
CA PHE C 28 8.34 -14.65 40.02
C PHE C 28 8.03 -15.19 38.62
N ALA C 29 8.72 -14.70 37.60
CA ALA C 29 8.39 -15.05 36.22
C ALA C 29 9.27 -16.20 35.75
N GLU C 30 8.65 -17.12 35.00
CA GLU C 30 9.40 -18.22 34.38
C GLU C 30 10.59 -17.67 33.60
N VAL C 31 11.72 -18.36 33.72
CA VAL C 31 12.93 -17.97 32.99
C VAL C 31 12.73 -18.37 31.53
N PRO C 32 12.82 -17.44 30.59
CA PRO C 32 12.58 -17.82 29.19
C PRO C 32 13.60 -18.84 28.70
N ASP C 33 13.16 -19.66 27.74
CA ASP C 33 14.07 -20.56 27.06
C ASP C 33 15.26 -19.79 26.52
N GLY C 34 16.44 -20.41 26.56
CA GLY C 34 17.64 -19.79 26.06
C GLY C 34 18.35 -18.86 27.01
N TRP C 35 17.85 -18.72 28.23
CA TRP C 35 18.45 -17.88 29.25
C TRP C 35 18.78 -18.74 30.47
N THR C 36 19.85 -18.36 31.15
CA THR C 36 20.30 -19.08 32.34
C THR C 36 20.48 -18.08 33.47
N GLY C 37 19.96 -18.42 34.65
CA GLY C 37 20.14 -17.57 35.81
C GLY C 37 21.55 -17.74 36.35
N VAL C 38 22.23 -16.60 36.57
CA VAL C 38 23.58 -16.60 37.09
C VAL C 38 23.70 -15.87 38.41
N HIS C 39 22.64 -15.22 38.88
CA HIS C 39 22.70 -14.49 40.14
C HIS C 39 21.27 -14.29 40.65
N GLY C 40 21.11 -14.35 41.97
CA GLY C 40 19.84 -14.11 42.60
C GLY C 40 19.16 -15.39 43.02
N PRO C 41 17.97 -15.29 43.62
CA PRO C 41 17.18 -14.07 43.88
C PRO C 41 17.91 -13.06 44.75
N ALA C 42 17.75 -11.79 44.43
CA ALA C 42 18.41 -10.71 45.16
C ALA C 42 17.67 -9.42 44.84
N SER C 43 18.04 -8.36 45.56
CA SER C 43 17.40 -7.08 45.34
C SER C 43 17.69 -6.57 43.93
N ARG C 44 16.86 -5.61 43.51
CA ARG C 44 17.05 -4.99 42.20
C ARG C 44 18.42 -4.32 42.12
N GLN C 45 18.80 -3.58 43.16
CA GLN C 45 20.09 -2.90 43.15
C GLN C 45 21.24 -3.89 43.12
N ASP C 46 21.13 -4.97 43.89
CA ASP C 46 22.18 -5.98 43.90
C ASP C 46 22.40 -6.57 42.51
N CYS C 47 21.30 -6.88 41.81
CA CYS C 47 21.42 -7.44 40.46
C CYS C 47 22.07 -6.45 39.50
N LEU C 48 21.74 -5.16 39.62
CA LEU C 48 22.36 -4.18 38.74
C LEU C 48 23.87 -4.11 38.98
N GLY C 49 24.28 -4.18 40.25
CA GLY C 49 25.71 -4.20 40.54
C GLY C 49 26.39 -5.42 39.96
N TYR C 50 25.72 -6.57 40.03
CA TYR C 50 26.29 -7.78 39.42
C TYR C 50 26.50 -7.60 37.92
N VAL C 51 25.50 -7.02 37.24
CA VAL C 51 25.62 -6.80 35.80
C VAL C 51 26.74 -5.82 35.49
N GLU C 52 26.77 -4.70 36.22
CA GLU C 52 27.82 -3.71 35.97
C GLU C 52 29.19 -4.34 36.14
N GLN C 53 29.32 -5.24 37.11
CA GLN C 53 30.62 -5.84 37.39
C GLN C 53 31.01 -6.87 36.34
N ASN C 54 30.05 -7.65 35.87
CA ASN C 54 30.35 -8.86 35.11
C ASN C 54 30.06 -8.76 33.62
N TRP C 55 29.19 -7.85 33.20
CA TRP C 55 28.91 -7.69 31.78
C TRP C 55 29.71 -6.49 31.30
N THR C 56 30.97 -6.74 30.93
CA THR C 56 31.91 -5.69 30.62
C THR C 56 31.96 -5.32 29.15
N ASP C 57 31.40 -6.15 28.27
CA ASP C 57 31.43 -5.90 26.84
C ASP C 57 30.06 -6.26 26.26
N LEU C 58 29.33 -5.25 25.79
CA LEU C 58 27.97 -5.47 25.35
C LEU C 58 27.86 -6.25 24.04
N ARG C 59 28.92 -6.30 23.23
CA ARG C 59 28.80 -6.99 21.95
C ARG C 59 28.53 -8.48 22.16
N PRO C 60 27.61 -9.08 21.40
CA PRO C 60 27.35 -10.51 21.54
C PRO C 60 28.62 -11.32 21.30
N LYS C 61 28.79 -12.38 22.09
CA LYS C 61 29.97 -13.23 21.94
C LYS C 61 29.93 -13.87 20.55
N THR D 2 -33.72 -17.96 6.71
CA THR D 2 -33.85 -17.66 5.30
C THR D 2 -33.72 -16.16 5.07
N ASN D 3 -33.01 -15.79 4.01
CA ASN D 3 -32.90 -14.38 3.66
C ASN D 3 -34.30 -13.79 3.48
N PRO D 4 -34.58 -12.62 4.07
CA PRO D 4 -35.96 -12.10 4.00
C PRO D 4 -36.39 -11.68 2.60
N PHE D 5 -35.46 -11.25 1.75
CA PHE D 5 -35.80 -10.90 0.38
C PHE D 5 -36.02 -12.13 -0.50
N ASP D 6 -35.52 -13.29 -0.09
CA ASP D 6 -35.59 -14.52 -0.88
C ASP D 6 -36.62 -15.51 -0.36
N ASN D 7 -37.37 -15.15 0.67
CA ASN D 7 -38.40 -16.03 1.22
C ASN D 7 -39.61 -15.96 0.30
N GLU D 8 -39.83 -17.03 -0.47
CA GLU D 8 -40.93 -17.05 -1.42
C GLU D 8 -42.29 -17.00 -0.73
N ASP D 9 -42.34 -17.30 0.57
CA ASP D 9 -43.57 -17.27 1.35
C ASP D 9 -43.70 -16.03 2.22
N GLY D 10 -42.80 -15.06 2.06
CA GLY D 10 -42.88 -13.84 2.85
C GLY D 10 -43.91 -12.87 2.30
N SER D 11 -44.14 -11.82 3.09
CA SER D 11 -45.02 -10.73 2.70
C SER D 11 -44.17 -9.52 2.32
N PHE D 12 -44.52 -8.89 1.20
CA PHE D 12 -43.64 -7.92 0.59
C PHE D 12 -44.40 -6.68 0.15
N LEU D 13 -43.66 -5.58 0.07
CA LEU D 13 -44.08 -4.34 -0.58
C LEU D 13 -43.26 -4.12 -1.84
N VAL D 14 -43.76 -3.23 -2.69
CA VAL D 14 -42.97 -2.62 -3.76
C VAL D 14 -42.77 -1.16 -3.38
N LEU D 15 -41.52 -0.70 -3.39
CA LEU D 15 -41.18 0.69 -3.11
C LEU D 15 -40.64 1.36 -4.37
N VAL D 16 -40.87 2.67 -4.49
CA VAL D 16 -40.33 3.46 -5.58
C VAL D 16 -39.60 4.66 -5.00
N ASN D 17 -38.52 5.08 -5.65
CA ASN D 17 -37.77 6.27 -5.24
C ASN D 17 -37.98 7.39 -6.25
N GLY D 18 -37.29 8.50 -6.02
CA GLY D 18 -37.43 9.67 -6.88
C GLY D 18 -36.96 9.45 -8.30
N GLU D 19 -36.13 8.44 -8.53
CA GLU D 19 -35.66 8.09 -9.87
C GLU D 19 -36.57 7.09 -10.57
N GLY D 20 -37.69 6.73 -9.95
CA GLY D 20 -38.58 5.74 -10.52
C GLY D 20 -38.08 4.32 -10.40
N GLN D 21 -36.98 4.09 -9.70
CA GLN D 21 -36.48 2.75 -9.48
C GLN D 21 -37.37 2.02 -8.48
N HIS D 22 -37.64 0.75 -8.74
CA HIS D 22 -38.53 -0.04 -7.90
C HIS D 22 -37.70 -1.02 -7.07
N SER D 23 -38.20 -1.29 -5.86
CA SER D 23 -37.53 -2.21 -4.96
C SER D 23 -38.54 -3.13 -4.29
N LEU D 24 -38.22 -4.41 -4.26
CA LEU D 24 -38.90 -5.32 -3.34
C LEU D 24 -38.54 -4.94 -1.90
N TRP D 25 -39.47 -5.16 -0.98
CA TRP D 25 -39.20 -4.85 0.41
C TRP D 25 -40.00 -5.72 1.37
N PRO D 26 -39.36 -6.33 2.37
CA PRO D 26 -40.13 -7.12 3.35
C PRO D 26 -41.08 -6.22 4.13
N ALA D 27 -42.35 -6.62 4.16
CA ALA D 27 -43.39 -5.79 4.77
C ALA D 27 -43.16 -5.56 6.25
N PHE D 28 -42.40 -6.43 6.93
CA PHE D 28 -42.19 -6.22 8.36
C PHE D 28 -41.22 -5.08 8.63
N ALA D 29 -40.44 -4.65 7.63
CA ALA D 29 -39.38 -3.69 7.85
C ALA D 29 -39.83 -2.27 7.54
N GLU D 30 -39.37 -1.33 8.37
CA GLU D 30 -39.61 0.09 8.15
C GLU D 30 -39.15 0.48 6.75
N VAL D 31 -39.95 1.31 6.09
CA VAL D 31 -39.64 1.76 4.73
C VAL D 31 -38.53 2.80 4.80
N PRO D 32 -37.42 2.62 4.06
CA PRO D 32 -36.32 3.60 4.15
C PRO D 32 -36.74 4.98 3.67
N ASP D 33 -36.10 6.00 4.25
CA ASP D 33 -36.28 7.37 3.79
C ASP D 33 -35.97 7.49 2.31
N GLY D 34 -36.76 8.32 1.63
CA GLY D 34 -36.59 8.51 0.21
C GLY D 34 -37.26 7.48 -0.65
N TRP D 35 -38.00 6.55 -0.04
CA TRP D 35 -38.74 5.51 -0.74
C TRP D 35 -40.21 5.60 -0.35
N THR D 36 -41.08 5.21 -1.28
CA THR D 36 -42.52 5.22 -1.06
C THR D 36 -43.10 3.87 -1.44
N GLY D 37 -43.95 3.32 -0.58
CA GLY D 37 -44.63 2.08 -0.89
C GLY D 37 -45.74 2.33 -1.89
N VAL D 38 -45.75 1.55 -2.97
CA VAL D 38 -46.75 1.69 -4.02
C VAL D 38 -47.56 0.43 -4.23
N HIS D 39 -47.23 -0.67 -3.55
CA HIS D 39 -47.97 -1.92 -3.71
C HIS D 39 -47.69 -2.80 -2.50
N GLY D 40 -48.70 -3.55 -2.08
CA GLY D 40 -48.56 -4.50 -1.00
C GLY D 40 -49.15 -3.99 0.31
N PRO D 41 -49.06 -4.79 1.37
CA PRO D 41 -48.41 -6.12 1.47
C PRO D 41 -49.04 -7.14 0.54
N ALA D 42 -48.22 -7.99 -0.07
CA ALA D 42 -48.68 -9.01 -0.99
C ALA D 42 -47.58 -10.05 -1.12
N SER D 43 -47.90 -11.14 -1.80
CA SER D 43 -46.92 -12.19 -2.00
C SER D 43 -45.74 -11.66 -2.81
N ARG D 44 -44.63 -12.40 -2.73
CA ARG D 44 -43.43 -12.04 -3.47
C ARG D 44 -43.68 -12.06 -4.98
N GLN D 45 -44.34 -13.11 -5.48
CA GLN D 45 -44.62 -13.18 -6.91
C GLN D 45 -45.57 -12.06 -7.34
N ASP D 46 -46.55 -11.73 -6.51
CA ASP D 46 -47.43 -10.62 -6.85
C ASP D 46 -46.64 -9.33 -6.96
N CYS D 47 -45.75 -9.06 -6.00
CA CYS D 47 -44.99 -7.81 -6.06
C CYS D 47 -44.08 -7.77 -7.29
N LEU D 48 -43.43 -8.89 -7.60
CA LEU D 48 -42.58 -8.93 -8.78
C LEU D 48 -43.39 -8.72 -10.06
N GLY D 49 -44.59 -9.30 -10.11
CA GLY D 49 -45.46 -9.06 -11.26
C GLY D 49 -45.84 -7.60 -11.40
N TYR D 50 -46.09 -6.93 -10.27
CA TYR D 50 -46.36 -5.50 -10.28
C TYR D 50 -45.18 -4.73 -10.86
N VAL D 51 -43.97 -5.09 -10.46
CA VAL D 51 -42.79 -4.41 -10.95
C VAL D 51 -42.65 -4.62 -12.46
N GLU D 52 -42.83 -5.87 -12.91
CA GLU D 52 -42.74 -6.16 -14.34
C GLU D 52 -43.75 -5.35 -15.14
N GLN D 53 -44.96 -5.19 -14.60
CA GLN D 53 -46.01 -4.47 -15.31
C GLN D 53 -45.80 -2.96 -15.25
N ASN D 54 -45.25 -2.45 -14.14
CA ASN D 54 -45.25 -1.02 -13.89
C ASN D 54 -43.90 -0.33 -14.06
N TRP D 55 -42.79 -1.04 -13.97
CA TRP D 55 -41.46 -0.46 -14.18
C TRP D 55 -41.03 -0.85 -15.59
N THR D 56 -41.43 -0.04 -16.56
CA THR D 56 -41.22 -0.35 -17.97
C THR D 56 -39.92 0.20 -18.54
N ASP D 57 -39.27 1.13 -17.83
CA ASP D 57 -38.06 1.78 -18.29
C ASP D 57 -37.09 1.84 -17.13
N LEU D 58 -36.01 1.05 -17.20
CA LEU D 58 -35.06 0.96 -16.10
C LEU D 58 -34.23 2.22 -15.96
N ARG D 59 -34.19 3.06 -16.98
CA ARG D 59 -33.40 4.28 -16.93
C ARG D 59 -33.87 5.14 -15.76
N PRO D 60 -32.96 5.70 -14.96
CA PRO D 60 -33.38 6.64 -13.93
C PRO D 60 -34.12 7.84 -14.53
N LYS D 61 -35.13 8.31 -13.81
CA LYS D 61 -35.93 9.43 -14.31
C LYS D 61 -35.09 10.66 -14.58
N SER D 62 -34.05 10.90 -13.79
CA SER D 62 -33.21 12.07 -14.02
C SER D 62 -32.55 12.01 -15.40
N LEU D 63 -32.15 10.81 -15.83
CA LEU D 63 -31.55 10.66 -17.15
C LEU D 63 -32.53 11.05 -18.25
N ILE D 64 -33.77 10.59 -18.16
CA ILE D 64 -34.73 10.85 -19.22
C ILE D 64 -35.14 12.31 -19.27
N SER D 65 -35.13 12.99 -18.12
CA SER D 65 -35.56 14.39 -18.06
C SER D 65 -34.36 15.30 -17.80
#